data_7PPJ
#
_entry.id   7PPJ
#
_cell.length_a   1.00
_cell.length_b   1.00
_cell.length_c   1.00
_cell.angle_alpha   90.00
_cell.angle_beta   90.00
_cell.angle_gamma   90.00
#
_symmetry.space_group_name_H-M   'P 1'
#
loop_
_entity.id
_entity.type
_entity.pdbx_description
1 polymer 'Schlafen family member 5'
2 non-polymer 'ZINC ION'
#
_entity_poly.entity_id   1
_entity_poly.type   'polypeptide(L)'
_entity_poly.pdbx_seq_one_letter_code
;MADYKDDDDKGTDYKDDDDKLEVLFQGPMSLRIDVDTNFPECVVDAGKVTLGTQQRQEMDPRLREKQNEIILRAVCALLN
SGGGIIKAEIENKGYNYERHGVGLDVPPIFRSHLDKMQKENHFLIFVKSWNTEAGVPLATLCSNLYHRERTSTDVMDSQE
ALAFLKCRTQTPTNINVSNSLGPQAAQGSVQYEGNINVSAAALFDRKRLQYLEKLNLPESTHVEFVMFSTDVSHCVKDRL
PKCVSAFANTEGGYVFFGVHDETCQVIGCEKEKIDLTSLRASIDGCIKKLPVHHFCTQRPEIKYVLNFLEVHDKGALRGY
VCAIKVEKFCCAVFAKVPSSWQVKDNRVRQLPTREWTAWMMEADPDLSRCPEMVLQLSLSSATPRSKPVCIHKNSECLKE
QQKRYFPVFSDRVVYTPESLYKELFSQHKGLRDLINTEMRPFSQGILIFSQSWAVDLGLQEKQGVICDALLISQNNTPIL
YTIFSKWDAGCKGYSMIVAYSLKQKLVNKGGYTGRLCITPLVCVLNSDRKAQSVYSSYLQIYPESYNFMTPQHMEALLQS
LVIVLLGFKSFLSEELGSEVLNLLTNKQYELLSKNLRKTRELFVHGLPGSGKTILALRIMEKIRNVFHCEPANILYICEN
QPLKKLVSFSKKNICQPVTRKTFMKNNFEHIQHIIIDDAQNFRTEDGDWYGKAKFITQTARDGPGVLWIFLDYFQTYHLS
CSGLPPPSDQYPREEINRVVRNAGPIANYLQQVMQEARQNPPPNLPPGSLVMLYEPKWAQGVPGNLEIIEDLNLEEILIY
VANKCRFLLRNGYSPKDIAVLFTKASEVEKYKDRLLTAMRKRKLSQLHEESDLLLQIGDASDVLTDHIVLDSVCRFSGLE
RNIVFGINPGVAPPAGAYNLLLCLASRAKRHLYILKASV
;
_entity_poly.pdbx_strand_id   A
#
loop_
_chem_comp.id
_chem_comp.type
_chem_comp.name
_chem_comp.formula
ZN non-polymer 'ZINC ION' 'Zn 2'
#
# COMPACT_ATOMS: atom_id res chain seq x y z
N LEU A 31 6.45 -10.57 -14.62
CA LEU A 31 6.47 -10.48 -13.17
C LEU A 31 5.45 -11.42 -12.53
N ARG A 32 5.66 -11.72 -11.26
CA ARG A 32 4.72 -12.51 -10.46
C ARG A 32 5.00 -12.18 -8.99
N ILE A 33 4.45 -13.02 -8.09
CA ILE A 33 4.71 -12.86 -6.63
C ILE A 33 4.88 -14.26 -6.04
N ASP A 34 6.03 -14.56 -5.42
CA ASP A 34 6.27 -15.93 -4.91
C ASP A 34 6.50 -15.92 -3.40
N VAL A 35 5.77 -16.74 -2.65
CA VAL A 35 6.04 -16.88 -1.18
C VAL A 35 6.81 -18.18 -0.97
N ASP A 36 7.11 -18.94 -2.04
CA ASP A 36 7.78 -20.26 -1.90
C ASP A 36 9.23 -20.11 -1.48
N THR A 37 9.78 -18.89 -1.56
CA THR A 37 11.20 -18.66 -1.20
C THR A 37 11.38 -18.77 0.31
N ASN A 38 12.60 -19.09 0.78
CA ASN A 38 12.84 -19.30 2.23
C ASN A 38 12.51 -18.02 3.01
N PHE A 39 12.86 -16.85 2.46
CA PHE A 39 12.56 -15.56 3.14
C PHE A 39 11.04 -15.45 3.31
N PRO A 40 10.54 -15.09 4.51
CA PRO A 40 9.09 -14.90 4.73
C PRO A 40 8.73 -13.49 4.29
N GLU A 41 8.82 -13.20 2.99
CA GLU A 41 8.56 -11.83 2.49
C GLU A 41 7.88 -11.89 1.13
N CYS A 42 7.77 -10.75 0.44
CA CYS A 42 7.14 -10.70 -0.87
C CYS A 42 8.17 -10.89 -1.96
N VAL A 43 8.50 -12.13 -2.31
CA VAL A 43 9.59 -12.43 -3.22
C VAL A 43 9.04 -12.25 -4.64
N VAL A 44 9.17 -11.03 -5.17
CA VAL A 44 8.84 -10.79 -6.56
C VAL A 44 9.87 -11.48 -7.45
N ASP A 45 9.40 -12.28 -8.39
CA ASP A 45 10.27 -12.99 -9.31
C ASP A 45 10.36 -12.16 -10.59
N ALA A 46 11.40 -11.34 -10.70
CA ALA A 46 11.54 -10.41 -11.80
C ALA A 46 12.23 -11.02 -13.02
N GLY A 47 12.17 -12.33 -13.17
CA GLY A 47 12.72 -12.95 -14.34
C GLY A 47 14.25 -12.92 -14.36
N LYS A 48 14.78 -13.07 -15.57
CA LYS A 48 16.22 -13.14 -15.76
C LYS A 48 16.76 -11.81 -16.26
N VAL A 49 17.77 -11.30 -15.56
CA VAL A 49 18.45 -10.06 -15.97
C VAL A 49 19.87 -10.41 -16.38
N THR A 50 20.47 -9.53 -17.17
CA THR A 50 21.86 -9.65 -17.57
C THR A 50 22.64 -8.52 -16.91
N LEU A 51 23.49 -8.86 -15.95
CA LEU A 51 24.14 -7.87 -15.09
C LEU A 51 25.59 -7.66 -15.51
N GLY A 52 26.21 -6.67 -14.87
CA GLY A 52 27.58 -6.28 -15.20
C GLY A 52 27.61 -5.05 -16.08
N THR A 53 28.20 -3.96 -15.58
CA THR A 53 28.20 -2.69 -16.29
C THR A 53 28.71 -2.84 -17.72
N GLN A 54 29.91 -3.41 -17.87
CA GLN A 54 30.44 -3.65 -19.20
C GLN A 54 29.53 -4.58 -19.99
N GLN A 55 28.97 -5.59 -19.33
CA GLN A 55 28.03 -6.48 -20.01
C GLN A 55 26.76 -5.76 -20.39
N ARG A 56 26.33 -4.77 -19.60
CA ARG A 56 25.25 -3.90 -20.03
C ARG A 56 25.63 -3.18 -21.32
N GLN A 57 26.83 -2.62 -21.36
CA GLN A 57 27.24 -1.83 -22.52
C GLN A 57 27.39 -2.69 -23.77
N GLU A 58 27.76 -3.96 -23.63
CA GLU A 58 28.02 -4.80 -24.79
C GLU A 58 26.85 -5.73 -25.13
N MET A 59 25.62 -5.29 -24.91
CA MET A 59 24.44 -6.08 -25.29
C MET A 59 23.40 -5.16 -25.91
N ASP A 60 22.23 -5.73 -26.18
CA ASP A 60 21.16 -5.00 -26.85
C ASP A 60 20.64 -3.88 -25.96
N PRO A 61 20.69 -2.62 -26.40
CA PRO A 61 20.13 -1.54 -25.57
C PRO A 61 18.63 -1.66 -25.35
N ARG A 62 17.91 -2.18 -26.34
CA ARG A 62 16.48 -2.44 -26.15
C ARG A 62 16.26 -3.40 -24.99
N LEU A 63 17.00 -4.51 -24.97
CA LEU A 63 16.84 -5.49 -23.90
C LEU A 63 17.31 -4.91 -22.58
N ARG A 64 18.38 -4.11 -22.59
CA ARG A 64 18.85 -3.44 -21.38
C ARG A 64 17.74 -2.58 -20.78
N GLU A 65 17.11 -1.75 -21.61
CA GLU A 65 16.06 -0.88 -21.11
C GLU A 65 14.84 -1.68 -20.67
N LYS A 66 14.53 -2.77 -21.38
CA LYS A 66 13.41 -3.60 -20.96
C LYS A 66 13.63 -4.18 -19.57
N GLN A 67 14.80 -4.78 -19.35
CA GLN A 67 15.10 -5.35 -18.04
C GLN A 67 15.15 -4.28 -16.97
N ASN A 68 15.74 -3.13 -17.27
CA ASN A 68 15.78 -2.05 -16.29
C ASN A 68 14.38 -1.60 -15.92
N GLU A 69 13.49 -1.50 -16.91
CA GLU A 69 12.12 -1.08 -16.64
C GLU A 69 11.38 -2.12 -15.83
N ILE A 70 11.64 -3.40 -16.08
CA ILE A 70 10.98 -4.45 -15.30
C ILE A 70 11.45 -4.40 -13.85
N ILE A 71 12.76 -4.25 -13.63
CA ILE A 71 13.27 -4.18 -12.28
C ILE A 71 12.73 -2.96 -11.55
N LEU A 72 12.63 -1.83 -12.25
CA LEU A 72 12.10 -0.64 -11.59
C LEU A 72 10.60 -0.76 -11.35
N ARG A 73 9.88 -1.48 -12.22
CA ARG A 73 8.49 -1.81 -11.95
C ARG A 73 8.37 -2.56 -10.63
N ALA A 74 9.18 -3.61 -10.47
CA ALA A 74 9.13 -4.40 -9.26
C ALA A 74 9.51 -3.57 -8.03
N VAL A 75 10.50 -2.70 -8.18
CA VAL A 75 10.93 -1.88 -7.05
C VAL A 75 9.83 -0.89 -6.66
N CYS A 76 9.18 -0.28 -7.64
CA CYS A 76 8.09 0.64 -7.32
C CYS A 76 6.89 -0.11 -6.75
N ALA A 77 6.72 -1.37 -7.14
CA ALA A 77 5.65 -2.18 -6.55
C ALA A 77 5.93 -2.45 -5.09
N LEU A 78 7.16 -2.82 -4.76
CA LEU A 78 7.50 -3.16 -3.39
C LEU A 78 7.70 -1.93 -2.51
N LEU A 79 7.87 -0.75 -3.09
CA LEU A 79 8.04 0.43 -2.23
C LEU A 79 6.72 0.87 -1.63
N ASN A 80 5.60 0.49 -2.24
CA ASN A 80 4.28 0.79 -1.70
C ASN A 80 3.76 -0.35 -0.82
N SER A 81 3.75 -1.56 -1.36
CA SER A 81 3.10 -2.69 -0.71
C SER A 81 3.69 -3.03 0.66
N GLY A 82 4.88 -2.56 0.97
CA GLY A 82 5.44 -2.82 2.28
C GLY A 82 6.82 -3.41 2.28
N GLY A 83 7.49 -3.36 1.13
CA GLY A 83 8.84 -3.87 1.02
C GLY A 83 8.85 -5.37 0.80
N GLY A 84 10.00 -5.85 0.35
CA GLY A 84 10.15 -7.26 0.08
C GLY A 84 11.48 -7.54 -0.59
N ILE A 85 11.47 -8.56 -1.44
CA ILE A 85 12.66 -9.06 -2.09
C ILE A 85 12.39 -9.09 -3.59
N ILE A 86 13.45 -8.99 -4.39
CA ILE A 86 13.36 -9.16 -5.83
C ILE A 86 14.45 -10.13 -6.25
N LYS A 87 14.05 -11.33 -6.65
CA LYS A 87 15.01 -12.28 -7.19
C LYS A 87 15.25 -12.00 -8.66
N ALA A 88 16.33 -12.58 -9.17
CA ALA A 88 16.64 -12.45 -10.59
C ALA A 88 17.61 -13.56 -10.98
N GLU A 89 17.23 -14.37 -11.95
CA GLU A 89 18.11 -15.42 -12.46
C GLU A 89 19.14 -14.80 -13.39
N ILE A 90 20.37 -14.66 -12.90
CA ILE A 90 21.41 -13.96 -13.64
C ILE A 90 21.76 -14.75 -14.90
N GLU A 91 21.73 -14.06 -16.04
CA GLU A 91 22.08 -14.71 -17.30
C GLU A 91 23.60 -14.82 -17.48
N ASN A 92 24.36 -13.95 -16.82
CA ASN A 92 25.80 -13.91 -17.03
C ASN A 92 26.47 -15.04 -16.24
N LYS A 93 27.16 -15.92 -16.96
CA LYS A 93 27.90 -17.00 -16.32
C LYS A 93 29.22 -16.46 -15.78
N GLY A 94 29.40 -16.52 -14.47
CA GLY A 94 30.60 -16.00 -13.86
C GLY A 94 30.51 -14.58 -13.36
N TYR A 95 29.30 -14.07 -13.13
CA TYR A 95 29.14 -12.74 -12.57
C TYR A 95 29.71 -12.72 -11.15
N ASN A 96 30.13 -11.53 -10.72
CA ASN A 96 30.62 -11.33 -9.35
C ASN A 96 30.27 -9.91 -8.93
N TYR A 97 29.52 -9.79 -7.83
CA TYR A 97 29.01 -8.50 -7.39
C TYR A 97 30.10 -7.53 -6.95
N GLU A 98 31.32 -8.02 -6.71
CA GLU A 98 32.42 -7.14 -6.34
C GLU A 98 33.25 -6.66 -7.52
N ARG A 99 33.26 -7.41 -8.61
CA ARG A 99 34.10 -7.09 -9.77
C ARG A 99 33.34 -6.38 -10.88
N HIS A 100 32.24 -6.96 -11.35
CA HIS A 100 31.56 -6.50 -12.55
C HIS A 100 30.50 -5.44 -12.27
N GLY A 101 30.40 -4.97 -11.03
CA GLY A 101 29.36 -4.00 -10.73
C GLY A 101 27.97 -4.58 -10.94
N VAL A 102 26.99 -3.68 -10.92
CA VAL A 102 25.60 -4.09 -11.10
C VAL A 102 25.16 -3.83 -12.53
N GLY A 103 25.17 -2.57 -12.95
CA GLY A 103 24.75 -2.19 -14.28
C GLY A 103 23.35 -1.63 -14.38
N LEU A 104 22.66 -1.41 -13.27
CA LEU A 104 21.29 -0.92 -13.28
C LEU A 104 21.29 0.60 -13.24
N ASP A 105 20.47 1.21 -14.09
CA ASP A 105 20.24 2.66 -14.06
C ASP A 105 19.00 2.91 -13.21
N VAL A 106 19.19 3.57 -12.07
CA VAL A 106 18.15 3.66 -11.06
C VAL A 106 17.87 5.13 -10.77
N PRO A 107 16.62 5.54 -10.62
CA PRO A 107 16.33 6.90 -10.20
C PRO A 107 16.99 7.20 -8.87
N PRO A 108 17.42 8.45 -8.66
CA PRO A 108 18.23 8.75 -7.46
C PRO A 108 17.52 8.51 -6.14
N ILE A 109 16.20 8.66 -6.08
CA ILE A 109 15.51 8.41 -4.82
C ILE A 109 15.34 6.92 -4.55
N PHE A 110 15.43 6.08 -5.57
CA PHE A 110 15.33 4.63 -5.41
C PHE A 110 16.68 3.99 -5.09
N ARG A 111 17.62 4.74 -4.53
CA ARG A 111 18.89 4.16 -4.11
C ARG A 111 19.04 4.12 -2.59
N SER A 112 18.31 4.96 -1.87
CA SER A 112 18.35 4.92 -0.42
C SER A 112 17.62 3.70 0.15
N HIS A 113 16.90 2.96 -0.69
CA HIS A 113 16.06 1.85 -0.25
C HIS A 113 16.58 0.49 -0.69
N LEU A 114 17.17 0.41 -1.87
CA LEU A 114 17.63 -0.88 -2.39
C LEU A 114 18.86 -1.36 -1.65
N ASP A 115 18.90 -2.66 -1.36
CA ASP A 115 20.08 -3.31 -0.81
C ASP A 115 20.35 -4.55 -1.65
N LYS A 116 21.43 -4.56 -2.40
CA LYS A 116 21.63 -5.65 -3.34
C LYS A 116 22.47 -6.76 -2.72
N MET A 117 22.44 -7.92 -3.38
CA MET A 117 23.13 -9.11 -2.89
C MET A 117 23.17 -10.13 -4.01
N GLN A 118 24.09 -11.08 -3.91
CA GLN A 118 24.24 -12.12 -4.92
C GLN A 118 24.35 -13.48 -4.23
N LYS A 119 23.56 -14.44 -4.68
CA LYS A 119 23.75 -15.85 -4.41
C LYS A 119 24.23 -16.52 -5.69
N GLU A 120 24.73 -17.76 -5.54
CA GLU A 120 25.52 -18.43 -6.56
C GLU A 120 24.99 -18.24 -7.99
N ASN A 121 23.67 -18.20 -8.15
CA ASN A 121 23.08 -17.94 -9.46
C ASN A 121 21.84 -17.06 -9.39
N HIS A 122 21.68 -16.25 -8.34
CA HIS A 122 20.49 -15.43 -8.18
C HIS A 122 20.86 -14.08 -7.58
N PHE A 123 20.64 -13.01 -8.34
CA PHE A 123 20.79 -11.67 -7.79
C PHE A 123 19.53 -11.33 -6.99
N LEU A 124 19.70 -10.69 -5.84
CA LEU A 124 18.60 -10.35 -4.97
C LEU A 124 18.67 -8.87 -4.63
N ILE A 125 17.51 -8.23 -4.56
CA ILE A 125 17.40 -6.80 -4.28
C ILE A 125 16.37 -6.63 -3.19
N PHE A 126 16.80 -6.23 -2.00
CA PHE A 126 15.91 -6.14 -0.85
C PHE A 126 15.44 -4.69 -0.73
N VAL A 127 14.13 -4.49 -0.75
CA VAL A 127 13.53 -3.17 -0.78
C VAL A 127 12.78 -2.94 0.52
N LYS A 128 13.05 -1.83 1.18
CA LYS A 128 12.29 -1.44 2.36
C LYS A 128 11.06 -0.67 1.92
N SER A 129 10.36 -0.05 2.86
CA SER A 129 9.16 0.72 2.55
C SER A 129 9.57 2.05 1.92
N TRP A 130 8.62 2.95 1.72
CA TRP A 130 8.90 4.21 1.04
C TRP A 130 9.16 5.37 1.99
N ASN A 131 8.83 5.23 3.27
CA ASN A 131 9.14 6.23 4.29
C ASN A 131 8.44 7.56 4.03
N THR A 132 7.54 7.62 3.05
CA THR A 132 6.84 8.84 2.64
C THR A 132 7.78 10.04 2.69
N GLU A 133 8.98 9.84 2.16
CA GLU A 133 10.03 10.84 2.20
C GLU A 133 9.73 11.97 1.23
N ALA A 134 9.96 13.20 1.69
CA ALA A 134 9.73 14.41 0.90
C ALA A 134 8.27 14.57 0.52
N GLY A 135 7.36 14.32 1.47
CA GLY A 135 5.97 14.64 1.28
C GLY A 135 5.18 13.64 0.45
N VAL A 136 5.70 13.27 -0.72
CA VAL A 136 4.97 12.43 -1.66
C VAL A 136 4.54 11.13 -0.99
N PRO A 137 3.24 10.84 -0.93
CA PRO A 137 2.77 9.64 -0.23
C PRO A 137 3.26 8.33 -0.83
N LEU A 138 2.97 8.07 -2.09
CA LEU A 138 3.37 6.82 -2.71
C LEU A 138 4.61 7.04 -3.57
N ALA A 139 5.27 5.94 -3.92
CA ALA A 139 6.47 5.97 -4.74
C ALA A 139 6.06 5.96 -6.21
N THR A 140 6.56 6.92 -6.97
CA THR A 140 6.21 7.08 -8.37
C THR A 140 7.47 7.04 -9.23
N LEU A 141 7.44 6.25 -10.30
CA LEU A 141 8.50 6.33 -11.30
C LEU A 141 8.49 7.69 -11.98
N CYS A 142 7.37 8.03 -12.62
CA CYS A 142 7.20 9.33 -13.26
C CYS A 142 5.72 9.69 -13.21
N SER A 143 5.42 10.93 -12.83
CA SER A 143 4.04 11.34 -12.65
C SER A 143 3.29 11.45 -13.98
N ASN A 144 3.99 11.50 -15.11
CA ASN A 144 3.39 11.71 -16.42
C ASN A 144 2.48 12.93 -16.47
N LEU A 145 2.68 13.88 -15.55
CA LEU A 145 2.01 15.18 -15.60
C LEU A 145 2.99 16.19 -16.17
N TYR A 146 3.05 16.24 -17.50
CA TYR A 146 3.97 17.13 -18.17
C TYR A 146 3.69 18.58 -17.79
N HIS A 147 4.63 19.45 -18.12
CA HIS A 147 4.51 20.87 -17.78
C HIS A 147 5.53 21.63 -18.61
N ARG A 148 5.10 22.75 -19.18
CA ARG A 148 5.94 23.55 -20.07
C ARG A 148 6.55 24.71 -19.30
N GLU A 149 7.87 24.71 -19.19
CA GLU A 149 8.61 25.86 -18.66
C GLU A 149 8.84 26.83 -19.80
N ARG A 150 9.65 27.86 -19.57
CA ARG A 150 9.87 28.89 -20.58
C ARG A 150 10.01 28.35 -22.00
N THR A 151 10.74 27.24 -22.16
CA THR A 151 10.97 26.71 -23.51
C THR A 151 10.79 25.20 -23.65
N SER A 152 10.93 24.42 -22.59
CA SER A 152 10.94 22.97 -22.71
C SER A 152 9.81 22.34 -21.90
N THR A 153 9.38 21.16 -22.35
CA THR A 153 8.29 20.41 -21.72
C THR A 153 8.90 19.32 -20.86
N ASP A 154 8.90 19.54 -19.55
CA ASP A 154 9.46 18.58 -18.60
C ASP A 154 8.36 17.95 -17.77
N VAL A 155 8.55 16.68 -17.40
CA VAL A 155 7.58 16.00 -16.55
C VAL A 155 7.74 16.48 -15.11
N MET A 156 6.61 16.76 -14.47
CA MET A 156 6.65 17.16 -13.07
C MET A 156 7.11 16.00 -12.21
N ASP A 157 8.18 16.22 -11.43
CA ASP A 157 8.56 15.21 -10.46
C ASP A 157 7.49 15.12 -9.39
N SER A 158 7.62 14.12 -8.51
CA SER A 158 6.54 13.80 -7.60
CA SER A 158 6.54 13.80 -7.60
C SER A 158 6.22 14.96 -6.67
N GLN A 159 7.23 15.69 -6.22
CA GLN A 159 6.95 16.83 -5.35
C GLN A 159 6.24 17.93 -6.12
N GLU A 160 6.69 18.21 -7.34
CA GLU A 160 6.00 19.21 -8.17
C GLU A 160 4.58 18.76 -8.49
N ALA A 161 4.38 17.47 -8.76
CA ALA A 161 3.04 17.00 -9.09
C ALA A 161 2.11 17.08 -7.89
N LEU A 162 2.60 16.74 -6.70
CA LEU A 162 1.78 16.88 -5.51
C LEU A 162 1.42 18.35 -5.27
N ALA A 163 2.39 19.26 -5.45
CA ALA A 163 2.09 20.68 -5.28
C ALA A 163 1.10 21.17 -6.33
N PHE A 164 1.23 20.69 -7.56
CA PHE A 164 0.37 21.10 -8.65
C PHE A 164 -1.07 20.65 -8.42
N LEU A 165 -1.26 19.40 -8.00
CA LEU A 165 -2.60 18.95 -7.64
C LEU A 165 -3.14 19.71 -6.43
N LYS A 166 -2.29 19.96 -5.44
CA LYS A 166 -2.74 20.72 -4.26
C LYS A 166 -3.15 22.13 -4.63
N CYS A 167 -2.58 22.68 -5.70
CA CYS A 167 -2.93 24.03 -6.12
C CYS A 167 -4.13 24.09 -7.05
N ARG A 168 -4.38 23.05 -7.85
CA ARG A 168 -5.61 23.07 -8.64
C ARG A 168 -6.82 22.59 -7.85
N THR A 169 -6.63 21.80 -6.79
CA THR A 169 -7.78 21.38 -5.99
C THR A 169 -8.32 22.55 -5.18
N GLN A 170 -7.46 23.20 -4.41
CA GLN A 170 -7.88 24.35 -3.62
C GLN A 170 -8.35 25.50 -4.51
N ASN A 197 -1.93 33.88 -26.82
CA ASN A 197 -1.02 34.61 -27.70
C ASN A 197 -1.77 35.16 -28.90
N VAL A 198 -1.75 36.50 -29.04
CA VAL A 198 -2.40 37.13 -30.18
C VAL A 198 -1.54 36.97 -31.44
N SER A 199 -0.22 37.06 -31.29
CA SER A 199 0.66 36.91 -32.44
CA SER A 199 0.66 36.91 -32.44
C SER A 199 0.62 35.48 -32.97
N ALA A 200 0.75 34.49 -32.09
CA ALA A 200 0.67 33.10 -32.51
C ALA A 200 -0.71 32.79 -33.09
N ALA A 201 -1.74 33.48 -32.60
CA ALA A 201 -3.06 33.30 -33.18
C ALA A 201 -3.12 33.85 -34.61
N ALA A 202 -2.58 35.05 -34.81
CA ALA A 202 -2.51 35.60 -36.16
C ALA A 202 -1.78 34.66 -37.10
N LEU A 203 -0.71 34.03 -36.61
CA LEU A 203 -0.05 32.99 -37.40
C LEU A 203 -0.96 31.79 -37.61
N PHE A 204 -1.77 31.46 -36.60
CA PHE A 204 -2.63 30.29 -36.65
C PHE A 204 -3.71 30.43 -37.72
N ASP A 205 -4.21 31.64 -37.94
CA ASP A 205 -5.24 31.86 -38.94
C ASP A 205 -4.69 32.13 -40.33
N ARG A 206 -3.38 32.33 -40.47
CA ARG A 206 -2.80 32.60 -41.79
C ARG A 206 -3.06 31.45 -42.74
N LYS A 207 -3.33 31.76 -43.99
CA LYS A 207 -3.59 30.73 -44.99
C LYS A 207 -2.32 30.35 -45.73
N ARG A 208 -1.66 31.31 -46.37
CA ARG A 208 -0.49 31.05 -47.20
C ARG A 208 0.77 31.10 -46.33
N LEU A 209 1.51 29.99 -46.30
CA LEU A 209 2.80 29.93 -45.64
C LEU A 209 3.82 29.40 -46.63
N GLN A 210 4.71 30.29 -47.08
CA GLN A 210 5.70 29.95 -48.07
C GLN A 210 6.89 29.22 -47.43
N TYR A 211 7.50 28.33 -48.21
CA TYR A 211 8.62 27.53 -47.74
C TYR A 211 9.73 28.40 -47.17
N LEU A 212 10.27 28.00 -46.02
CA LEU A 212 11.42 28.65 -45.40
C LEU A 212 11.16 30.09 -45.01
N GLU A 213 9.90 30.50 -44.89
CA GLU A 213 9.60 31.82 -44.34
C GLU A 213 9.96 31.84 -42.86
N LYS A 214 11.06 32.50 -42.53
CA LYS A 214 11.46 32.59 -41.13
C LYS A 214 10.40 33.31 -40.33
N LEU A 215 9.88 32.64 -39.31
CA LEU A 215 8.77 33.17 -38.52
C LEU A 215 9.30 34.19 -37.52
N ASN A 216 8.56 35.29 -37.38
CA ASN A 216 8.85 36.24 -36.31
C ASN A 216 8.48 35.69 -34.95
N LEU A 217 7.80 34.55 -34.90
CA LEU A 217 7.34 33.98 -33.64
C LEU A 217 8.42 33.10 -33.04
N PRO A 218 8.92 33.41 -31.84
CA PRO A 218 9.89 32.53 -31.18
C PRO A 218 9.21 31.55 -30.24
N GLU A 219 9.89 30.43 -30.00
CA GLU A 219 9.42 29.47 -29.00
C GLU A 219 9.28 30.15 -27.66
N SER A 220 8.14 29.94 -27.00
CA SER A 220 7.85 30.60 -25.74
C SER A 220 7.02 29.65 -24.88
N THR A 221 6.44 30.18 -23.81
CA THR A 221 5.59 29.38 -22.95
C THR A 221 4.31 28.94 -23.65
N HIS A 222 3.96 29.58 -24.76
CA HIS A 222 2.70 29.30 -25.44
C HIS A 222 2.88 28.83 -26.87
N VAL A 223 4.10 28.57 -27.32
CA VAL A 223 4.35 28.07 -28.67
C VAL A 223 5.38 26.95 -28.54
N GLU A 224 5.41 26.06 -29.53
CA GLU A 224 6.39 24.98 -29.56
C GLU A 224 6.44 24.42 -30.97
N PHE A 225 7.64 24.38 -31.55
CA PHE A 225 7.83 23.84 -32.90
C PHE A 225 8.42 22.44 -32.81
N VAL A 226 7.80 21.50 -33.50
CA VAL A 226 8.26 20.12 -33.52
C VAL A 226 8.40 19.68 -34.98
N MET A 227 9.63 19.47 -35.42
CA MET A 227 9.87 19.05 -36.78
C MET A 227 9.22 17.70 -37.06
N PHE A 228 8.93 17.45 -38.33
CA PHE A 228 8.35 16.20 -38.76
C PHE A 228 9.41 15.12 -38.87
N SER A 229 9.09 13.92 -38.42
CA SER A 229 9.98 12.77 -38.55
C SER A 229 9.69 12.07 -39.87
N THR A 230 10.21 10.85 -40.03
CA THR A 230 9.95 10.09 -41.24
C THR A 230 8.46 9.79 -41.38
N ASP A 231 7.86 9.17 -40.36
CA ASP A 231 6.43 8.91 -40.31
C ASP A 231 5.79 10.06 -39.55
N VAL A 232 5.03 10.89 -40.27
CA VAL A 232 4.39 12.03 -39.63
C VAL A 232 3.34 11.56 -38.62
N SER A 233 2.60 10.50 -38.94
CA SER A 233 1.53 10.05 -38.07
C SER A 233 2.09 9.45 -36.78
N HIS A 234 3.07 8.57 -36.90
CA HIS A 234 3.67 7.97 -35.70
C HIS A 234 4.30 9.04 -34.82
N CYS A 235 5.00 10.00 -35.43
CA CYS A 235 5.67 11.03 -34.65
CA CYS A 235 5.67 11.03 -34.64
C CYS A 235 4.67 11.94 -33.95
N VAL A 236 3.58 12.31 -34.65
CA VAL A 236 2.63 13.22 -34.03
C VAL A 236 1.86 12.49 -32.92
N LYS A 237 1.58 11.20 -33.10
CA LYS A 237 0.96 10.45 -32.02
C LYS A 237 1.91 10.23 -30.85
N ASP A 238 3.22 10.21 -31.10
CA ASP A 238 4.18 10.07 -30.02
C ASP A 238 4.36 11.38 -29.27
N ARG A 239 4.21 12.52 -29.96
CA ARG A 239 4.49 13.81 -29.36
C ARG A 239 3.25 14.51 -28.81
N LEU A 240 2.06 14.19 -29.31
CA LEU A 240 0.84 14.90 -28.92
C LEU A 240 0.49 14.76 -27.44
N PRO A 241 0.51 13.56 -26.85
CA PRO A 241 0.27 13.50 -25.40
C PRO A 241 1.19 14.43 -24.63
N LYS A 242 2.47 14.48 -25.02
CA LYS A 242 3.45 15.30 -24.32
C LYS A 242 3.07 16.77 -24.36
N CYS A 243 2.98 17.35 -25.55
CA CYS A 243 2.74 18.79 -25.65
C CYS A 243 1.33 19.15 -25.18
N VAL A 244 0.34 18.30 -25.43
CA VAL A 244 -1.03 18.58 -25.01
C VAL A 244 -1.11 18.60 -23.49
N SER A 245 -0.52 17.60 -22.84
CA SER A 245 -0.44 17.60 -21.39
C SER A 245 0.26 18.85 -20.88
N ALA A 246 1.38 19.19 -21.52
CA ALA A 246 2.15 20.36 -21.10
C ALA A 246 1.30 21.62 -21.16
N PHE A 247 0.62 21.84 -22.29
CA PHE A 247 -0.18 23.08 -22.47
C PHE A 247 -1.36 23.10 -21.50
N ALA A 248 -2.09 21.99 -21.37
CA ALA A 248 -3.28 21.96 -20.50
C ALA A 248 -2.87 22.25 -19.05
N ASN A 249 -1.77 21.64 -18.59
CA ASN A 249 -1.27 21.89 -17.21
C ASN A 249 -0.85 23.35 -17.06
N THR A 250 -0.20 23.93 -18.07
CA THR A 250 0.29 25.33 -18.01
C THR A 250 -0.83 26.31 -18.42
N GLU A 251 -0.50 27.57 -18.66
CA GLU A 251 -1.50 28.60 -19.01
C GLU A 251 -2.23 28.24 -20.32
N GLY A 252 -1.62 27.40 -21.16
CA GLY A 252 -2.27 26.95 -22.40
C GLY A 252 -1.67 27.64 -23.61
N GLY A 253 -1.10 26.85 -24.54
CA GLY A 253 -0.41 27.44 -25.69
C GLY A 253 -0.57 26.62 -26.95
N TYR A 254 -0.19 27.19 -28.10
CA TYR A 254 -0.35 26.49 -29.40
C TYR A 254 0.92 25.69 -29.72
N VAL A 255 0.84 24.79 -30.70
CA VAL A 255 1.96 23.94 -31.10
C VAL A 255 1.88 23.67 -32.59
N PHE A 256 2.99 23.84 -33.29
CA PHE A 256 3.05 23.73 -34.74
C PHE A 256 3.97 22.58 -35.11
N PHE A 257 3.43 21.59 -35.80
CA PHE A 257 4.19 20.46 -36.28
C PHE A 257 4.53 20.68 -37.75
N GLY A 258 5.83 20.69 -38.06
CA GLY A 258 6.28 20.84 -39.43
C GLY A 258 7.21 22.01 -39.66
N VAL A 259 7.65 22.65 -38.58
CA VAL A 259 8.51 23.83 -38.66
C VAL A 259 9.67 23.65 -37.70
N HIS A 260 10.89 23.90 -38.18
CA HIS A 260 12.08 23.81 -37.35
C HIS A 260 11.95 24.74 -36.14
N ASP A 261 12.56 24.34 -35.03
CA ASP A 261 12.31 25.01 -33.75
C ASP A 261 13.32 26.10 -33.43
N GLU A 262 14.56 25.97 -33.88
CA GLU A 262 15.57 26.98 -33.59
C GLU A 262 15.61 28.06 -34.67
N THR A 263 15.79 27.64 -35.93
CA THR A 263 15.79 28.58 -37.04
C THR A 263 14.39 29.13 -37.33
N CYS A 264 13.34 28.45 -36.88
CA CYS A 264 11.95 28.87 -37.07
C CYS A 264 11.65 29.09 -38.56
N GLN A 265 11.75 28.00 -39.32
CA GLN A 265 11.55 28.04 -40.76
C GLN A 265 10.53 26.99 -41.16
N VAL A 266 9.55 27.41 -41.97
CA VAL A 266 8.49 26.51 -42.40
C VAL A 266 9.08 25.39 -43.26
N ILE A 267 8.76 24.15 -42.89
CA ILE A 267 9.24 23.00 -43.64
C ILE A 267 8.05 22.17 -44.10
N GLY A 268 7.28 21.64 -43.16
CA GLY A 268 6.13 20.83 -43.49
C GLY A 268 6.51 19.42 -43.88
N CYS A 269 5.56 18.73 -44.51
CA CYS A 269 5.74 17.36 -44.94
C CYS A 269 5.28 17.22 -46.39
N GLU A 270 5.64 16.09 -47.00
CA GLU A 270 5.21 15.82 -48.37
C GLU A 270 3.78 15.28 -48.37
N LYS A 271 2.99 15.74 -49.34
CA LYS A 271 1.57 15.40 -49.39
C LYS A 271 1.31 13.96 -49.81
N GLU A 272 2.33 13.23 -50.26
CA GLU A 272 2.08 11.89 -50.81
C GLU A 272 1.75 10.88 -49.72
N LYS A 273 2.23 11.09 -48.50
CA LYS A 273 2.02 10.14 -47.42
C LYS A 273 1.00 10.63 -46.40
N ILE A 274 0.83 11.94 -46.27
CA ILE A 274 -0.06 12.51 -45.26
C ILE A 274 -1.48 12.55 -45.80
N ASP A 275 -2.44 12.29 -44.91
CA ASP A 275 -3.86 12.40 -45.22
C ASP A 275 -4.52 13.17 -44.09
N LEU A 276 -5.08 14.34 -44.41
CA LEU A 276 -5.63 15.21 -43.38
C LEU A 276 -6.77 14.54 -42.63
N THR A 277 -7.58 13.75 -43.33
CA THR A 277 -8.73 13.11 -42.69
C THR A 277 -8.30 12.13 -41.61
N SER A 278 -7.51 11.12 -41.99
CA SER A 278 -7.05 10.13 -41.03
C SER A 278 -6.17 10.78 -39.97
N LEU A 279 -5.42 11.82 -40.33
CA LEU A 279 -4.59 12.50 -39.34
C LEU A 279 -5.45 13.16 -38.27
N ARG A 280 -6.47 13.91 -38.69
CA ARG A 280 -7.36 14.54 -37.72
C ARG A 280 -8.08 13.49 -36.89
N ALA A 281 -8.45 12.38 -37.51
CA ALA A 281 -9.10 11.30 -36.77
C ALA A 281 -8.19 10.76 -35.67
N SER A 282 -6.98 10.37 -36.04
CA SER A 282 -6.03 9.86 -35.06
C SER A 282 -5.71 10.90 -33.99
N ILE A 283 -5.68 12.17 -34.36
CA ILE A 283 -5.32 13.21 -33.41
C ILE A 283 -6.43 13.38 -32.38
N ASP A 284 -7.69 13.48 -32.83
CA ASP A 284 -8.78 13.57 -31.87
C ASP A 284 -8.87 12.31 -31.02
N GLY A 285 -8.52 11.15 -31.59
CA GLY A 285 -8.50 9.93 -30.81
C GLY A 285 -7.47 9.99 -29.69
N CYS A 286 -6.19 10.11 -30.05
CA CYS A 286 -5.12 10.18 -29.07
C CYS A 286 -5.17 11.43 -28.21
N ILE A 287 -6.09 12.35 -28.49
CA ILE A 287 -6.24 13.53 -27.65
CA ILE A 287 -6.24 13.53 -27.65
C ILE A 287 -7.40 13.36 -26.67
N LYS A 288 -8.43 12.59 -27.05
CA LYS A 288 -9.53 12.31 -26.13
C LYS A 288 -9.26 11.09 -25.26
N LYS A 289 -8.36 10.22 -25.69
CA LYS A 289 -7.96 9.04 -24.96
C LYS A 289 -7.04 9.35 -23.78
N LEU A 290 -6.60 10.59 -23.64
CA LEU A 290 -5.68 10.96 -22.57
C LEU A 290 -6.33 10.77 -21.21
N PRO A 291 -5.77 9.96 -20.33
CA PRO A 291 -6.30 9.87 -18.97
C PRO A 291 -6.27 11.22 -18.30
N VAL A 292 -7.45 11.73 -17.97
CA VAL A 292 -7.59 13.01 -17.29
C VAL A 292 -8.14 12.75 -15.89
N HIS A 293 -8.05 13.77 -15.05
CA HIS A 293 -8.68 13.77 -13.74
C HIS A 293 -9.50 15.04 -13.64
N HIS A 294 -10.30 15.15 -12.59
CA HIS A 294 -11.17 16.30 -12.43
C HIS A 294 -11.48 16.53 -10.96
N PHE A 295 -11.03 17.67 -10.44
CA PHE A 295 -11.38 18.12 -9.10
C PHE A 295 -12.58 19.04 -9.10
N CYS A 296 -13.18 19.27 -10.27
CA CYS A 296 -14.29 20.19 -10.45
C CYS A 296 -15.60 19.39 -10.57
N THR A 297 -16.69 20.09 -10.88
CA THR A 297 -18.01 19.50 -10.96
C THR A 297 -18.49 19.27 -12.38
N GLN A 298 -18.30 20.25 -13.27
CA GLN A 298 -18.84 20.14 -14.63
C GLN A 298 -18.26 18.96 -15.39
N ARG A 299 -17.00 18.64 -15.12
CA ARG A 299 -16.27 17.59 -15.85
C ARG A 299 -16.30 17.83 -17.36
N PRO A 300 -15.73 18.94 -17.83
CA PRO A 300 -15.71 19.17 -19.28
C PRO A 300 -14.71 18.29 -20.00
N GLU A 301 -14.54 18.53 -21.29
CA GLU A 301 -13.62 17.75 -22.12
C GLU A 301 -12.51 18.68 -22.63
N ILE A 302 -11.42 18.06 -23.11
CA ILE A 302 -10.28 18.85 -23.55
C ILE A 302 -10.68 19.67 -24.76
N LYS A 303 -10.69 21.00 -24.59
CA LYS A 303 -11.18 21.92 -25.62
C LYS A 303 -9.99 22.38 -26.47
N TYR A 304 -9.72 21.64 -27.53
CA TYR A 304 -8.65 21.99 -28.44
C TYR A 304 -9.24 22.42 -29.78
N VAL A 305 -8.37 22.92 -30.65
CA VAL A 305 -8.71 23.28 -32.02
C VAL A 305 -7.56 22.84 -32.92
N LEU A 306 -7.89 22.31 -34.08
CA LEU A 306 -6.88 21.88 -35.04
C LEU A 306 -7.00 22.68 -36.32
N ASN A 307 -5.88 22.95 -36.96
CA ASN A 307 -5.86 23.60 -38.26
C ASN A 307 -4.68 23.07 -39.06
N PHE A 308 -4.82 23.11 -40.38
CA PHE A 308 -3.77 22.69 -41.30
C PHE A 308 -3.30 23.91 -42.08
N LEU A 309 -2.32 24.61 -41.52
CA LEU A 309 -1.75 25.75 -42.22
C LEU A 309 -1.12 25.30 -43.53
N GLU A 310 -1.53 25.93 -44.63
CA GLU A 310 -1.07 25.53 -45.94
C GLU A 310 0.43 25.80 -46.10
N VAL A 311 1.04 25.14 -47.07
CA VAL A 311 2.47 25.26 -47.33
C VAL A 311 2.67 25.34 -48.83
N HIS A 312 3.31 26.42 -49.30
CA HIS A 312 3.54 26.64 -50.72
C HIS A 312 5.02 26.80 -51.00
N ASP A 313 5.39 26.48 -52.24
CA ASP A 313 6.77 26.56 -52.70
C ASP A 313 6.77 26.95 -54.17
N LYS A 314 7.38 28.11 -54.48
CA LYS A 314 7.42 28.63 -55.83
C LYS A 314 6.02 28.70 -56.44
N GLY A 315 5.05 29.06 -55.62
CA GLY A 315 3.66 29.10 -56.04
C GLY A 315 2.98 27.75 -56.09
N ALA A 316 3.59 26.71 -55.54
CA ALA A 316 3.05 25.36 -55.58
C ALA A 316 2.94 24.81 -54.17
N LEU A 317 1.76 24.29 -53.82
CA LEU A 317 1.55 23.71 -52.51
C LEU A 317 2.34 22.42 -52.36
N ARG A 318 2.96 22.23 -51.20
CA ARG A 318 3.74 21.03 -50.93
C ARG A 318 3.51 20.37 -49.58
N GLY A 319 2.65 20.91 -48.73
CA GLY A 319 2.39 20.25 -47.47
C GLY A 319 1.53 21.10 -46.55
N TYR A 320 1.64 20.80 -45.25
CA TYR A 320 0.88 21.49 -44.22
C TYR A 320 1.74 21.64 -42.97
N VAL A 321 1.27 22.49 -42.07
CA VAL A 321 1.88 22.66 -40.75
C VAL A 321 0.76 22.44 -39.73
N CYS A 322 0.76 21.28 -39.08
CA CYS A 322 -0.32 20.93 -38.17
C CYS A 322 -0.29 21.86 -36.97
N ALA A 323 -1.24 22.78 -36.91
CA ALA A 323 -1.27 23.78 -35.84
C ALA A 323 -2.39 23.43 -34.88
N ILE A 324 -2.03 23.10 -33.64
CA ILE A 324 -2.97 22.64 -32.64
C ILE A 324 -2.99 23.66 -31.50
N LYS A 325 -4.17 24.15 -31.18
CA LYS A 325 -4.38 25.15 -30.14
C LYS A 325 -5.08 24.49 -28.97
N VAL A 326 -4.36 24.34 -27.85
CA VAL A 326 -4.90 23.73 -26.65
C VAL A 326 -5.09 24.82 -25.61
N GLU A 327 -6.28 24.86 -25.01
CA GLU A 327 -6.64 25.87 -24.03
C GLU A 327 -6.38 25.37 -22.62
N LYS A 328 -6.29 26.30 -21.68
CA LYS A 328 -6.00 25.98 -20.30
C LYS A 328 -7.10 25.13 -19.69
N PHE A 329 -6.80 23.85 -19.46
CA PHE A 329 -7.76 22.96 -18.83
C PHE A 329 -7.90 23.29 -17.35
N CYS A 330 -9.13 23.17 -16.85
CA CYS A 330 -9.40 23.48 -15.45
C CYS A 330 -8.96 22.39 -14.49
N CYS A 331 -8.47 21.27 -15.00
CA CYS A 331 -8.09 20.15 -14.15
C CYS A 331 -6.85 19.47 -14.73
N ALA A 332 -6.27 18.57 -13.96
CA ALA A 332 -5.05 17.89 -14.36
C ALA A 332 -5.29 17.05 -15.61
N VAL A 333 -4.27 16.95 -16.46
CA VAL A 333 -4.31 16.17 -17.68
C VAL A 333 -3.00 15.40 -17.79
N PHE A 334 -3.09 14.10 -18.00
CA PHE A 334 -1.92 13.23 -18.10
C PHE A 334 -1.63 12.91 -19.57
N ALA A 335 -0.43 12.39 -19.81
CA ALA A 335 -0.10 11.84 -21.12
C ALA A 335 -0.45 10.37 -21.22
N LYS A 336 -0.46 9.67 -20.09
CA LYS A 336 -1.03 8.33 -19.94
C LYS A 336 -1.19 8.10 -18.43
N VAL A 337 -1.57 6.89 -18.06
CA VAL A 337 -1.70 6.59 -16.62
C VAL A 337 -0.36 6.80 -15.94
N PRO A 338 -0.31 7.29 -14.71
CA PRO A 338 0.97 7.43 -14.03
C PRO A 338 1.68 6.09 -13.93
N SER A 339 2.99 6.11 -14.06
CA SER A 339 3.78 4.88 -14.00
C SER A 339 4.10 4.49 -12.57
N SER A 340 3.06 4.34 -11.76
CA SER A 340 3.17 3.90 -10.37
CA SER A 340 3.17 3.90 -10.37
C SER A 340 2.50 2.55 -10.22
N TRP A 341 3.09 1.66 -9.44
CA TRP A 341 2.63 0.29 -9.32
C TRP A 341 2.45 -0.08 -7.86
N GLN A 342 1.87 -1.26 -7.64
CA GLN A 342 1.74 -1.85 -6.31
C GLN A 342 1.51 -3.35 -6.47
N VAL A 343 1.51 -4.06 -5.35
CA VAL A 343 1.33 -5.50 -5.34
C VAL A 343 -0.06 -5.80 -4.82
N LYS A 344 -0.92 -6.32 -5.70
CA LYS A 344 -2.31 -6.58 -5.39
C LYS A 344 -2.68 -7.94 -5.96
N ASP A 345 -3.53 -8.67 -5.24
CA ASP A 345 -4.00 -9.99 -5.66
C ASP A 345 -2.81 -10.89 -5.99
N ASN A 346 -1.72 -10.70 -5.26
CA ASN A 346 -0.47 -11.40 -5.49
C ASN A 346 -0.04 -11.32 -6.96
N ARG A 347 0.06 -10.09 -7.45
CA ARG A 347 0.71 -9.78 -8.72
C ARG A 347 0.95 -8.27 -8.74
N VAL A 348 1.50 -7.78 -9.85
CA VAL A 348 1.79 -6.36 -10.01
C VAL A 348 0.61 -5.68 -10.68
N ARG A 349 0.18 -4.56 -10.11
CA ARG A 349 -0.99 -3.83 -10.59
C ARG A 349 -0.69 -2.35 -10.58
N GLN A 350 -0.93 -1.68 -11.71
CA GLN A 350 -0.71 -0.25 -11.81
C GLN A 350 -1.83 0.50 -11.10
N LEU A 351 -1.46 1.39 -10.20
CA LEU A 351 -2.46 2.18 -9.51
C LEU A 351 -3.28 2.98 -10.52
N PRO A 352 -4.61 2.95 -10.44
CA PRO A 352 -5.42 3.68 -11.42
C PRO A 352 -5.31 5.18 -11.20
N THR A 353 -5.48 5.92 -12.31
CA THR A 353 -5.34 7.37 -12.27
C THR A 353 -6.21 7.98 -11.18
N ARG A 354 -7.43 7.47 -11.01
CA ARG A 354 -8.30 7.97 -9.97
C ARG A 354 -7.74 7.64 -8.58
N GLU A 355 -7.27 6.41 -8.40
CA GLU A 355 -6.69 6.04 -7.12
C GLU A 355 -5.30 6.65 -6.93
N TRP A 356 -4.52 6.75 -8.01
CA TRP A 356 -3.25 7.46 -7.92
C TRP A 356 -3.45 8.88 -7.43
N THR A 357 -4.36 9.62 -8.05
CA THR A 357 -4.59 11.02 -7.71
C THR A 357 -5.36 11.20 -6.41
N ALA A 358 -6.06 10.17 -5.93
CA ALA A 358 -6.67 10.26 -4.62
C ALA A 358 -5.77 9.74 -3.51
N TRP A 359 -4.66 9.10 -3.87
CA TRP A 359 -3.64 8.68 -2.91
C TRP A 359 -2.58 9.74 -2.72
N MET A 360 -2.12 10.35 -3.82
CA MET A 360 -1.14 11.44 -3.71
C MET A 360 -1.65 12.55 -2.83
N MET A 361 -2.96 12.81 -2.84
CA MET A 361 -3.57 13.81 -1.97
C MET A 361 -4.27 13.19 -0.78
N GLU A 362 -3.78 12.05 -0.30
CA GLU A 362 -4.35 11.42 0.90
C GLU A 362 -3.67 12.01 2.13
N ALA A 363 -3.81 13.32 2.29
CA ALA A 363 -3.25 13.98 3.44
C ALA A 363 -3.96 13.52 4.71
N ASP A 364 -3.28 13.68 5.84
CA ASP A 364 -3.89 13.32 7.10
C ASP A 364 -5.16 14.14 7.30
N PRO A 365 -6.28 13.51 7.64
CA PRO A 365 -7.56 14.23 7.63
C PRO A 365 -7.56 15.35 8.66
N ASP A 366 -8.24 16.44 8.32
CA ASP A 366 -8.33 17.59 9.20
C ASP A 366 -9.05 17.21 10.49
N LEU A 367 -8.31 17.16 11.59
CA LEU A 367 -8.90 16.88 12.89
C LEU A 367 -9.44 18.14 13.55
N SER A 368 -9.50 19.26 12.83
CA SER A 368 -10.05 20.49 13.37
C SER A 368 -11.55 20.37 13.67
N ARG A 369 -12.26 19.48 12.98
CA ARG A 369 -13.67 19.26 13.28
C ARG A 369 -13.83 18.65 14.66
N CYS A 370 -12.92 17.75 15.04
CA CYS A 370 -12.92 17.14 16.36
C CYS A 370 -11.65 17.56 17.10
N PRO A 371 -11.62 18.76 17.70
CA PRO A 371 -10.39 19.22 18.35
C PRO A 371 -9.99 18.43 19.58
N GLU A 372 -10.78 17.43 19.98
CA GLU A 372 -10.42 16.60 21.12
C GLU A 372 -9.46 15.48 20.75
N MET A 373 -9.51 15.00 19.52
CA MET A 373 -8.59 13.97 19.07
C MET A 373 -7.16 14.52 19.02
N VAL A 374 -6.20 13.60 19.04
CA VAL A 374 -4.79 13.92 18.86
C VAL A 374 -4.19 12.91 17.91
N LEU A 375 -3.46 13.38 16.90
CA LEU A 375 -2.82 12.50 15.94
C LEU A 375 -1.53 11.93 16.52
N GLN A 376 -1.22 10.68 16.15
CA GLN A 376 -0.06 9.99 16.67
C GLN A 376 0.81 9.32 15.64
N LEU A 377 0.29 9.02 14.44
CA LEU A 377 1.12 8.52 13.33
C LEU A 377 0.65 9.24 12.07
N SER A 378 1.25 10.39 11.79
CA SER A 378 0.89 11.13 10.59
C SER A 378 1.31 10.35 9.35
N LEU A 379 0.56 10.52 8.27
CA LEU A 379 0.96 9.89 7.02
C LEU A 379 2.13 10.61 6.36
N SER A 380 2.67 11.65 6.99
CA SER A 380 3.88 12.32 6.53
C SER A 380 5.14 11.71 7.11
N SER A 381 5.03 10.76 8.04
CA SER A 381 6.17 10.07 8.63
C SER A 381 5.86 8.59 8.78
N ALA A 382 5.26 7.98 7.77
CA ALA A 382 4.84 6.59 7.83
C ALA A 382 5.09 5.96 6.48
N THR A 383 4.48 4.81 6.23
CA THR A 383 4.60 4.10 4.96
C THR A 383 3.48 4.51 4.03
N PRO A 384 3.52 4.09 2.77
CA PRO A 384 2.41 4.46 1.86
C PRO A 384 1.07 3.93 2.30
N ARG A 385 0.97 2.64 2.62
CA ARG A 385 -0.31 2.02 2.93
C ARG A 385 -0.74 2.22 4.37
N SER A 386 -0.06 3.05 5.13
CA SER A 386 -0.45 3.31 6.50
C SER A 386 -1.60 4.30 6.56
N LYS A 387 -2.33 4.28 7.67
CA LYS A 387 -3.38 5.25 7.94
C LYS A 387 -3.08 5.96 9.25
N PRO A 388 -3.49 7.21 9.39
CA PRO A 388 -3.23 7.93 10.64
C PRO A 388 -3.87 7.25 11.82
N VAL A 389 -3.47 7.65 13.01
CA VAL A 389 -3.95 7.02 14.24
C VAL A 389 -4.22 8.12 15.27
N CYS A 390 -5.48 8.45 15.49
CA CYS A 390 -5.82 9.47 16.47
C CYS A 390 -6.34 8.81 17.74
N ILE A 391 -6.03 9.44 18.87
CA ILE A 391 -6.45 8.95 20.17
C ILE A 391 -7.05 10.12 20.94
N HIS A 392 -8.04 9.81 21.78
CA HIS A 392 -8.59 10.78 22.71
C HIS A 392 -7.47 11.42 23.53
N LYS A 393 -7.66 12.70 23.88
CA LYS A 393 -6.62 13.44 24.57
C LYS A 393 -6.28 12.81 25.92
N ASN A 394 -7.28 12.29 26.63
CA ASN A 394 -7.04 11.72 27.94
C ASN A 394 -6.48 10.30 27.85
N SER A 395 -6.87 9.53 26.84
CA SER A 395 -6.31 8.20 26.67
C SER A 395 -4.83 8.30 26.29
N GLU A 396 -4.07 7.28 26.71
CA GLU A 396 -2.62 7.35 26.60
C GLU A 396 -2.17 7.31 25.14
N CYS A 397 -1.06 8.02 24.88
CA CYS A 397 -0.52 8.12 23.54
C CYS A 397 0.14 6.81 23.15
N LEU A 398 0.81 6.81 22.00
CA LEU A 398 1.46 5.60 21.51
C LEU A 398 2.72 5.29 22.31
N LYS A 399 3.43 6.33 22.76
CA LYS A 399 4.68 6.14 23.48
C LYS A 399 4.44 5.46 24.83
N GLU A 400 3.43 5.93 25.57
CA GLU A 400 3.13 5.32 26.86
C GLU A 400 2.68 3.88 26.70
N GLN A 401 1.88 3.60 25.67
CA GLN A 401 1.45 2.23 25.44
C GLN A 401 2.63 1.33 25.10
N GLN A 402 3.57 1.84 24.30
CA GLN A 402 4.76 1.05 23.98
C GLN A 402 5.58 0.77 25.23
N LYS A 403 5.88 1.82 26.01
CA LYS A 403 6.67 1.63 27.22
C LYS A 403 5.93 0.87 28.31
N ARG A 404 4.62 0.65 28.15
CA ARG A 404 3.85 -0.11 29.12
C ARG A 404 3.67 -1.56 28.73
N TYR A 405 3.52 -1.86 27.44
CA TYR A 405 3.29 -3.23 26.99
C TYR A 405 4.55 -3.95 26.55
N PHE A 406 5.61 -3.23 26.20
CA PHE A 406 6.85 -3.82 25.71
C PHE A 406 8.04 -2.99 26.17
N PRO A 407 8.32 -2.98 27.47
CA PRO A 407 9.44 -2.16 27.98
C PRO A 407 10.76 -2.58 27.34
N VAL A 408 11.69 -1.63 27.31
CA VAL A 408 13.00 -1.83 26.68
C VAL A 408 14.06 -1.29 27.62
N PHE A 409 14.85 -2.19 28.21
CA PHE A 409 16.04 -1.80 28.95
C PHE A 409 17.06 -2.92 28.85
N SER A 410 18.31 -2.55 28.57
CA SER A 410 19.33 -3.47 28.08
C SER A 410 20.05 -4.25 29.17
N ASP A 411 19.62 -4.14 30.42
CA ASP A 411 20.31 -4.87 31.48
C ASP A 411 20.03 -6.37 31.44
N ARG A 412 18.91 -6.79 30.86
CA ARG A 412 18.55 -8.20 30.83
C ARG A 412 17.57 -8.43 29.68
N VAL A 413 17.00 -9.63 29.64
CA VAL A 413 15.98 -9.99 28.67
C VAL A 413 14.69 -10.25 29.43
N VAL A 414 13.65 -9.45 29.13
CA VAL A 414 12.37 -9.52 29.88
C VAL A 414 11.31 -10.21 29.01
N TYR A 415 10.13 -10.49 29.57
CA TYR A 415 9.02 -11.10 28.79
C TYR A 415 7.83 -10.14 28.80
N THR A 416 7.29 -9.83 27.61
CA THR A 416 6.17 -8.85 27.53
C THR A 416 4.95 -9.39 28.28
N PRO A 417 4.57 -10.68 28.13
CA PRO A 417 3.47 -11.24 28.90
C PRO A 417 4.02 -12.03 30.10
N GLU A 418 4.00 -11.41 31.29
CA GLU A 418 4.47 -12.12 32.51
C GLU A 418 3.52 -13.28 32.82
N SER A 419 2.21 -13.06 32.71
CA SER A 419 1.23 -14.11 33.08
C SER A 419 1.16 -15.20 32.01
N LEU A 420 1.38 -14.84 30.74
CA LEU A 420 1.32 -15.85 29.65
C LEU A 420 2.55 -16.76 29.71
N TYR A 421 3.79 -16.21 29.91
CA TYR A 421 5.03 -17.03 30.03
C TYR A 421 4.93 -17.88 31.30
N LYS A 422 4.38 -17.27 32.37
CA LYS A 422 4.29 -18.00 33.66
C LYS A 422 3.32 -19.18 33.51
N GLU A 423 2.07 -18.93 33.13
CA GLU A 423 1.10 -20.02 33.01
C GLU A 423 1.59 -21.07 32.03
N LEU A 424 2.18 -20.64 30.91
CA LEU A 424 2.69 -21.61 29.94
C LEU A 424 3.81 -22.46 30.52
N PHE A 425 4.63 -21.87 31.40
CA PHE A 425 5.71 -22.63 32.01
C PHE A 425 5.19 -23.53 33.14
N SER A 426 4.20 -23.05 33.90
CA SER A 426 3.63 -23.89 34.94
C SER A 426 2.84 -25.06 34.35
N GLN A 427 2.29 -24.89 33.14
CA GLN A 427 1.55 -25.98 32.51
C GLN A 427 2.49 -26.95 31.83
N HIS A 428 3.24 -26.49 30.83
CA HIS A 428 4.14 -27.33 30.07
C HIS A 428 5.47 -27.45 30.79
N LYS A 429 5.92 -28.68 31.01
CA LYS A 429 7.23 -28.94 31.60
C LYS A 429 8.25 -29.08 30.48
N GLY A 430 9.36 -28.36 30.62
CA GLY A 430 10.38 -28.31 29.59
C GLY A 430 10.34 -27.05 28.74
N LEU A 431 9.21 -26.36 28.70
CA LEU A 431 9.14 -25.09 27.99
C LEU A 431 10.09 -24.07 28.60
N ARG A 432 10.16 -24.01 29.93
CA ARG A 432 11.10 -23.11 30.58
C ARG A 432 12.53 -23.44 30.18
N ASP A 433 12.88 -24.73 30.12
CA ASP A 433 14.22 -25.12 29.73
C ASP A 433 14.50 -24.74 28.28
N LEU A 434 13.54 -24.98 27.38
CA LEU A 434 13.75 -24.66 25.97
C LEU A 434 13.92 -23.15 25.77
N ILE A 435 13.10 -22.36 26.45
CA ILE A 435 13.19 -20.91 26.31
C ILE A 435 14.50 -20.39 26.90
N ASN A 436 14.90 -20.89 28.08
CA ASN A 436 16.16 -20.46 28.65
C ASN A 436 17.36 -20.95 27.85
N THR A 437 17.20 -22.01 27.06
CA THR A 437 18.29 -22.48 26.22
C THR A 437 18.43 -21.62 24.97
N GLU A 438 17.32 -21.34 24.30
CA GLU A 438 17.39 -20.54 23.08
C GLU A 438 17.67 -19.08 23.38
N MET A 439 17.15 -18.55 24.48
CA MET A 439 17.30 -17.16 24.88
C MET A 439 18.61 -16.91 25.63
N ARG A 440 19.53 -17.86 25.64
CA ARG A 440 20.76 -17.71 26.40
C ARG A 440 21.77 -16.79 25.69
N PRO A 441 22.11 -17.03 24.41
CA PRO A 441 23.15 -16.19 23.79
C PRO A 441 22.83 -14.71 23.83
N PHE A 442 21.61 -14.32 23.47
CA PHE A 442 21.25 -12.92 23.43
C PHE A 442 21.22 -12.33 24.84
N SER A 443 21.73 -11.12 24.99
CA SER A 443 21.83 -10.50 26.31
C SER A 443 20.87 -9.35 26.51
N GLN A 444 20.50 -8.64 25.45
CA GLN A 444 19.56 -7.53 25.54
C GLN A 444 18.40 -7.78 24.59
N GLY A 445 17.18 -7.64 25.09
CA GLY A 445 16.01 -7.77 24.24
C GLY A 445 14.75 -7.90 25.07
N ILE A 446 13.72 -8.50 24.45
CA ILE A 446 12.47 -8.85 25.17
C ILE A 446 11.77 -9.98 24.40
N LEU A 447 11.44 -11.08 25.08
CA LEU A 447 10.75 -12.22 24.42
C LEU A 447 9.24 -12.07 24.69
N ILE A 448 8.43 -12.04 23.63
CA ILE A 448 6.96 -11.83 23.80
C ILE A 448 6.24 -13.13 23.44
N PHE A 449 5.32 -13.58 24.29
CA PHE A 449 4.63 -14.87 24.06
C PHE A 449 3.17 -14.66 23.69
N SER A 450 2.59 -15.60 22.94
CA SER A 450 1.15 -15.53 22.55
C SER A 450 0.65 -16.95 22.32
N GLN A 451 -0.49 -17.32 22.93
CA GLN A 451 -0.99 -18.69 22.83
C GLN A 451 -0.86 -19.21 21.41
N SER A 452 -1.03 -18.33 20.43
CA SER A 452 -0.66 -18.61 19.04
C SER A 452 -0.59 -17.26 18.34
N TRP A 453 0.58 -16.92 17.81
CA TRP A 453 0.74 -15.59 17.23
C TRP A 453 -0.05 -15.42 15.94
N ALA A 454 -0.43 -16.51 15.28
CA ALA A 454 -1.20 -16.39 14.05
C ALA A 454 -2.58 -15.80 14.30
N VAL A 455 -3.10 -15.94 15.52
CA VAL A 455 -4.44 -15.45 15.80
C VAL A 455 -4.41 -13.96 16.11
N ASP A 456 -3.36 -13.49 16.79
CA ASP A 456 -3.28 -12.08 17.15
C ASP A 456 -3.16 -11.18 15.93
N LEU A 457 -2.75 -11.74 14.79
CA LEU A 457 -2.71 -10.98 13.55
C LEU A 457 -4.03 -11.08 12.79
N GLY A 458 -4.56 -12.29 12.68
CA GLY A 458 -5.77 -12.51 11.90
C GLY A 458 -5.74 -13.81 11.12
N LEU A 459 -4.63 -14.54 11.22
CA LEU A 459 -4.50 -15.82 10.53
C LEU A 459 -5.24 -16.90 11.31
N GLN A 460 -5.02 -18.16 10.93
CA GLN A 460 -5.75 -19.30 11.47
C GLN A 460 -4.83 -20.16 12.30
N GLU A 461 -5.22 -20.42 13.54
CA GLU A 461 -4.42 -21.25 14.43
C GLU A 461 -4.28 -22.66 13.88
N LYS A 462 -3.16 -23.29 14.19
CA LYS A 462 -2.86 -24.65 13.75
C LYS A 462 -2.95 -25.61 14.93
N GLN A 463 -2.90 -26.91 14.60
CA GLN A 463 -3.00 -27.97 15.59
C GLN A 463 -1.61 -28.41 16.04
N GLY A 464 -1.42 -28.53 17.34
CA GLY A 464 -0.14 -28.92 17.89
C GLY A 464 0.87 -27.82 18.03
N VAL A 465 0.45 -26.63 18.43
CA VAL A 465 1.33 -25.47 18.58
C VAL A 465 1.21 -24.99 20.02
N ILE A 466 2.27 -25.18 20.81
CA ILE A 466 2.22 -24.87 22.22
C ILE A 466 2.03 -23.38 22.44
N CYS A 467 2.90 -22.57 21.83
CA CYS A 467 2.83 -21.13 21.94
C CYS A 467 3.74 -20.54 20.87
N ASP A 468 3.69 -19.22 20.73
CA ASP A 468 4.54 -18.51 19.80
C ASP A 468 5.30 -17.42 20.52
N ALA A 469 6.59 -17.31 20.22
CA ALA A 469 7.48 -16.36 20.88
C ALA A 469 8.15 -15.49 19.83
N LEU A 470 8.01 -14.18 19.97
CA LEU A 470 8.78 -13.23 19.18
C LEU A 470 9.80 -12.57 20.10
N LEU A 471 11.05 -12.53 19.67
CA LEU A 471 12.11 -11.88 20.43
C LEU A 471 12.54 -10.63 19.68
N ILE A 472 12.41 -9.48 20.35
CA ILE A 472 12.92 -8.22 19.84
C ILE A 472 14.28 -8.02 20.50
N SER A 473 15.35 -8.13 19.70
CA SER A 473 16.72 -8.01 20.26
C SER A 473 17.56 -7.04 19.42
N GLN A 474 18.18 -6.03 20.04
CA GLN A 474 19.02 -5.04 19.32
C GLN A 474 20.34 -5.68 18.87
N ASN A 475 20.93 -5.17 17.78
CA ASN A 475 22.27 -5.65 17.29
C ASN A 475 22.10 -6.98 16.54
N ASN A 476 20.87 -7.43 16.36
CA ASN A 476 20.60 -8.69 15.61
C ASN A 476 19.19 -8.63 15.03
N THR A 477 18.89 -9.49 14.05
CA THR A 477 17.53 -9.55 13.46
C THR A 477 16.54 -10.03 14.53
N PRO A 478 15.33 -9.44 14.63
CA PRO A 478 14.31 -9.94 15.57
C PRO A 478 13.98 -11.40 15.20
N ILE A 479 13.81 -12.27 16.20
CA ILE A 479 13.60 -13.71 15.89
C ILE A 479 12.24 -14.21 16.37
N LEU A 480 11.49 -14.90 15.49
CA LEU A 480 10.19 -15.49 15.89
C LEU A 480 10.42 -16.95 16.28
N TYR A 481 10.08 -17.31 17.52
CA TYR A 481 10.20 -18.69 17.96
C TYR A 481 8.82 -19.31 18.00
N THR A 482 8.63 -20.41 17.27
CA THR A 482 7.38 -21.16 17.30
C THR A 482 7.66 -22.54 17.90
N ILE A 483 6.94 -22.87 18.97
CA ILE A 483 7.20 -24.06 19.76
C ILE A 483 6.09 -25.06 19.51
N PHE A 484 6.47 -26.28 19.13
CA PHE A 484 5.51 -27.33 18.78
C PHE A 484 5.59 -28.48 19.79
N SER A 485 4.44 -29.04 20.14
CA SER A 485 4.42 -30.28 20.90
C SER A 485 4.92 -31.45 20.06
N LYS A 486 4.75 -31.37 18.74
CA LYS A 486 5.13 -32.47 17.87
C LYS A 486 5.55 -31.89 16.53
N TRP A 487 6.54 -32.52 15.92
CA TRP A 487 7.04 -32.10 14.61
C TRP A 487 6.19 -32.71 13.51
N ASP A 488 5.92 -31.92 12.49
CA ASP A 488 5.13 -32.37 11.34
C ASP A 488 5.62 -31.63 10.11
N ALA A 489 4.84 -31.64 9.03
CA ALA A 489 5.20 -30.98 7.80
C ALA A 489 4.72 -29.53 7.73
N GLY A 490 3.93 -29.08 8.69
CA GLY A 490 3.43 -27.72 8.73
C GLY A 490 4.24 -26.76 9.56
N CYS A 491 5.33 -27.22 10.17
CA CYS A 491 6.17 -26.36 10.99
C CYS A 491 6.65 -25.15 10.20
N LYS A 492 7.42 -25.41 9.14
CA LYS A 492 8.01 -24.33 8.35
C LYS A 492 6.94 -23.45 7.73
N GLY A 493 5.91 -24.06 7.15
CA GLY A 493 4.85 -23.27 6.54
C GLY A 493 4.20 -22.32 7.51
N TYR A 494 3.79 -22.84 8.67
CA TYR A 494 3.11 -22.00 9.65
C TYR A 494 4.03 -20.90 10.16
N SER A 495 5.28 -21.23 10.48
CA SER A 495 6.19 -20.23 11.02
C SER A 495 6.45 -19.13 9.98
N MET A 496 6.70 -19.52 8.74
CA MET A 496 6.98 -18.53 7.70
C MET A 496 5.77 -17.65 7.44
N ILE A 497 4.57 -18.23 7.42
CA ILE A 497 3.39 -17.40 7.13
C ILE A 497 3.10 -16.45 8.29
N VAL A 498 3.31 -16.91 9.53
CA VAL A 498 3.11 -16.00 10.65
C VAL A 498 4.12 -14.87 10.61
N ALA A 499 5.39 -15.18 10.30
CA ALA A 499 6.40 -14.13 10.23
C ALA A 499 6.12 -13.15 9.10
N TYR A 500 5.71 -13.67 7.94
CA TYR A 500 5.40 -12.81 6.80
C TYR A 500 4.24 -11.88 7.10
N SER A 501 3.15 -12.41 7.66
CA SER A 501 2.03 -11.57 8.02
C SER A 501 2.39 -10.58 9.11
N LEU A 502 3.29 -10.96 10.03
CA LEU A 502 3.70 -10.04 11.07
C LEU A 502 4.49 -8.88 10.50
N LYS A 503 5.42 -9.16 9.58
CA LYS A 503 6.17 -8.08 8.95
C LYS A 503 5.25 -7.18 8.14
N GLN A 504 4.30 -7.77 7.41
CA GLN A 504 3.37 -6.97 6.62
C GLN A 504 2.54 -6.06 7.51
N LYS A 505 2.01 -6.59 8.61
CA LYS A 505 1.23 -5.74 9.50
C LYS A 505 2.09 -4.66 10.14
N LEU A 506 3.34 -4.97 10.46
CA LEU A 506 4.21 -3.97 11.07
C LEU A 506 4.54 -2.85 10.09
N VAL A 507 4.72 -3.17 8.81
CA VAL A 507 5.07 -2.16 7.84
C VAL A 507 3.84 -1.39 7.37
N ASN A 508 2.89 -2.09 6.75
CA ASN A 508 1.68 -1.45 6.24
C ASN A 508 0.83 -0.84 7.33
N LYS A 509 0.26 -1.67 8.21
CA LYS A 509 -0.70 -1.15 9.18
C LYS A 509 0.00 -0.38 10.29
N GLY A 510 1.13 -0.89 10.78
CA GLY A 510 1.80 -0.24 11.88
C GLY A 510 2.56 1.00 11.48
N GLY A 511 3.17 0.98 10.30
CA GLY A 511 3.91 2.13 9.83
C GLY A 511 5.34 2.18 10.30
N TYR A 512 6.11 1.14 9.98
CA TYR A 512 7.52 1.09 10.30
C TYR A 512 8.33 1.47 9.08
N THR A 513 9.05 2.58 9.16
CA THR A 513 9.77 3.13 8.01
C THR A 513 11.05 2.35 7.74
N GLY A 514 11.91 2.19 8.76
CA GLY A 514 13.20 1.55 8.59
C GLY A 514 13.15 0.10 8.16
N ARG A 515 14.32 -0.52 8.08
CA ARG A 515 14.42 -1.89 7.58
C ARG A 515 14.00 -2.88 8.66
N LEU A 516 13.26 -3.91 8.25
CA LEU A 516 12.64 -4.85 9.17
C LEU A 516 12.61 -6.24 8.54
N CYS A 517 13.18 -7.21 9.22
CA CYS A 517 13.03 -8.62 8.87
C CYS A 517 12.78 -9.41 10.13
N ILE A 518 11.85 -10.35 10.06
CA ILE A 518 11.49 -11.21 11.18
C ILE A 518 12.00 -12.60 10.85
N THR A 519 12.94 -13.10 11.66
CA THR A 519 13.56 -14.39 11.36
C THR A 519 12.74 -15.51 12.00
N PRO A 520 12.14 -16.40 11.22
CA PRO A 520 11.30 -17.46 11.80
C PRO A 520 12.06 -18.73 12.13
N LEU A 521 11.92 -19.25 13.35
CA LEU A 521 12.54 -20.52 13.72
C LEU A 521 11.55 -21.36 14.50
N VAL A 522 11.63 -22.68 14.28
CA VAL A 522 10.74 -23.65 14.88
C VAL A 522 11.53 -24.54 15.84
N CYS A 523 10.93 -24.86 16.98
CA CYS A 523 11.52 -25.77 17.94
C CYS A 523 10.44 -26.70 18.47
N VAL A 524 10.74 -27.99 18.51
CA VAL A 524 9.78 -29.01 18.90
C VAL A 524 10.07 -29.40 20.34
N LEU A 525 9.35 -28.79 21.28
CA LEU A 525 9.54 -29.14 22.69
C LEU A 525 9.10 -30.58 22.93
N ASN A 526 10.03 -31.40 23.42
CA ASN A 526 9.76 -32.80 23.67
C ASN A 526 9.99 -33.16 25.14
N GLN A 540 16.64 -16.93 5.25
CA GLN A 540 18.06 -17.17 5.08
C GLN A 540 18.89 -16.07 5.72
N ILE A 541 19.81 -15.50 4.95
CA ILE A 541 20.73 -14.47 5.44
C ILE A 541 20.42 -13.17 4.74
N TYR A 542 20.27 -12.10 5.52
CA TYR A 542 20.06 -10.75 5.06
C TYR A 542 21.37 -9.97 5.12
N PRO A 543 21.51 -8.88 4.37
CA PRO A 543 22.74 -8.11 4.42
C PRO A 543 22.90 -7.40 5.75
N GLU A 544 24.11 -6.90 5.99
CA GLU A 544 24.42 -6.26 7.26
C GLU A 544 23.51 -5.07 7.54
N SER A 545 22.92 -4.47 6.51
CA SER A 545 22.02 -3.33 6.72
C SER A 545 20.80 -3.74 7.54
N TYR A 546 20.27 -4.93 7.28
CA TYR A 546 19.04 -5.36 7.95
C TYR A 546 19.25 -5.69 9.41
N ASN A 547 20.46 -6.03 9.81
CA ASN A 547 20.76 -6.27 11.22
C ASN A 547 20.66 -4.96 11.99
N PHE A 548 19.82 -4.93 13.02
CA PHE A 548 19.61 -3.74 13.82
C PHE A 548 20.95 -3.16 14.26
N MET A 549 20.99 -1.85 14.46
CA MET A 549 22.21 -1.19 14.88
C MET A 549 22.02 -0.17 15.99
N THR A 550 20.78 0.12 16.38
CA THR A 550 20.49 1.14 17.36
C THR A 550 19.53 0.59 18.40
N PRO A 551 19.52 1.16 19.61
CA PRO A 551 18.42 0.95 20.55
C PRO A 551 17.28 1.94 20.38
N GLN A 552 17.40 2.87 19.42
CA GLN A 552 16.36 3.82 19.12
C GLN A 552 15.54 3.44 17.89
N HIS A 553 15.81 2.28 17.30
CA HIS A 553 14.97 1.77 16.22
C HIS A 553 14.12 0.58 16.64
N MET A 554 14.57 -0.23 17.60
CA MET A 554 13.68 -1.22 18.17
C MET A 554 12.56 -0.55 18.95
N GLU A 555 12.82 0.66 19.46
CA GLU A 555 11.75 1.44 20.05
C GLU A 555 10.70 1.80 19.00
N ALA A 556 11.13 2.07 17.77
CA ALA A 556 10.18 2.29 16.69
C ALA A 556 9.46 1.00 16.34
N LEU A 557 10.17 -0.12 16.35
CA LEU A 557 9.53 -1.40 16.05
C LEU A 557 8.43 -1.71 17.06
N LEU A 558 8.64 -1.38 18.32
CA LEU A 558 7.60 -1.65 19.32
C LEU A 558 6.51 -0.59 19.33
N GLN A 559 6.83 0.66 19.00
CA GLN A 559 5.79 1.65 18.79
C GLN A 559 4.93 1.32 17.58
N SER A 560 5.43 0.51 16.66
CA SER A 560 4.61 0.00 15.57
C SER A 560 3.89 -1.29 15.94
N LEU A 561 4.49 -2.11 16.79
CA LEU A 561 3.81 -3.32 17.24
C LEU A 561 2.60 -3.00 18.11
N VAL A 562 2.67 -1.94 18.90
CA VAL A 562 1.51 -1.53 19.68
C VAL A 562 0.33 -1.23 18.76
N ILE A 563 0.61 -0.60 17.63
CA ILE A 563 -0.45 -0.33 16.66
C ILE A 563 -0.93 -1.61 16.00
N VAL A 564 -0.01 -2.51 15.66
CA VAL A 564 -0.42 -3.75 15.00
C VAL A 564 -1.31 -4.59 15.91
N LEU A 565 -1.05 -4.57 17.22
CA LEU A 565 -1.80 -5.39 18.16
C LEU A 565 -2.87 -4.63 18.91
N LEU A 566 -3.07 -3.35 18.62
CA LEU A 566 -4.13 -2.58 19.26
C LEU A 566 -4.90 -1.70 18.29
N GLY A 567 -4.60 -1.76 16.99
CA GLY A 567 -5.20 -0.85 16.04
C GLY A 567 -6.43 -1.44 15.38
N PHE A 568 -7.53 -0.69 15.41
CA PHE A 568 -8.76 -1.07 14.76
C PHE A 568 -9.31 0.11 13.97
N LYS A 569 -9.94 -0.19 12.84
CA LYS A 569 -10.44 0.86 11.95
C LYS A 569 -11.62 1.56 12.62
N SER A 570 -11.35 2.71 13.22
CA SER A 570 -12.36 3.39 14.03
C SER A 570 -13.58 3.76 13.18
N PHE A 571 -14.72 3.83 13.85
CA PHE A 571 -15.98 4.22 13.22
C PHE A 571 -16.29 5.69 13.40
N LEU A 572 -15.71 6.33 14.40
CA LEU A 572 -16.03 7.72 14.71
C LEU A 572 -15.54 8.67 13.61
N SER A 573 -14.43 8.34 12.94
CA SER A 573 -13.78 9.27 12.04
C SER A 573 -13.66 8.77 10.62
N GLU A 574 -14.23 7.60 10.29
CA GLU A 574 -14.26 7.19 8.90
C GLU A 574 -15.24 8.02 8.08
N GLU A 575 -16.03 8.89 8.73
CA GLU A 575 -16.75 9.96 8.06
C GLU A 575 -15.94 11.24 8.01
N LEU A 576 -15.01 11.42 8.95
CA LEU A 576 -14.19 12.61 9.03
C LEU A 576 -13.14 12.68 7.92
N GLY A 577 -12.91 11.58 7.23
CA GLY A 577 -11.93 11.59 6.14
C GLY A 577 -11.90 10.25 5.43
N SER A 578 -10.71 9.90 4.94
CA SER A 578 -10.53 8.62 4.27
C SER A 578 -10.78 7.46 5.22
N GLU A 579 -9.91 7.32 6.23
CA GLU A 579 -9.97 6.25 7.21
C GLU A 579 -8.93 6.52 8.28
N VAL A 580 -9.28 6.25 9.53
CA VAL A 580 -8.41 6.58 10.66
C VAL A 580 -8.51 5.48 11.70
N LEU A 581 -7.38 4.82 11.97
CA LEU A 581 -7.33 3.77 12.98
C LEU A 581 -7.43 4.37 14.38
N ASN A 582 -7.62 3.49 15.35
CA ASN A 582 -7.69 3.86 16.76
C ASN A 582 -7.12 2.74 17.61
N LEU A 583 -6.85 3.04 18.88
CA LEU A 583 -6.13 2.16 19.77
C LEU A 583 -7.04 1.67 20.89
N LEU A 584 -7.14 0.35 21.03
CA LEU A 584 -7.89 -0.25 22.13
C LEU A 584 -7.33 0.20 23.47
N THR A 585 -8.21 0.26 24.47
CA THR A 585 -7.78 0.53 25.83
C THR A 585 -7.10 -0.70 26.40
N ASN A 586 -6.74 -0.64 27.69
CA ASN A 586 -6.11 -1.79 28.33
C ASN A 586 -7.12 -2.88 28.63
N LYS A 587 -8.32 -2.50 29.07
CA LYS A 587 -9.34 -3.50 29.40
C LYS A 587 -9.79 -4.27 28.17
N GLN A 588 -9.91 -3.58 27.03
CA GLN A 588 -10.35 -4.26 25.81
C GLN A 588 -9.30 -5.25 25.32
N TYR A 589 -8.03 -4.87 25.37
CA TYR A 589 -7.01 -5.82 24.96
C TYR A 589 -6.89 -6.97 25.94
N GLU A 590 -7.10 -6.70 27.24
CA GLU A 590 -7.13 -7.78 28.22
C GLU A 590 -8.22 -8.78 27.89
N LEU A 591 -9.46 -8.29 27.73
CA LEU A 591 -10.59 -9.19 27.46
C LEU A 591 -10.49 -9.83 26.09
N LEU A 592 -9.71 -9.27 25.16
CA LEU A 592 -9.53 -9.91 23.87
C LEU A 592 -8.47 -11.00 23.94
N SER A 593 -7.39 -10.76 24.68
CA SER A 593 -6.28 -11.70 24.72
C SER A 593 -6.62 -12.98 25.48
N LYS A 594 -7.69 -12.98 26.27
CA LYS A 594 -8.05 -14.14 27.07
C LYS A 594 -8.22 -15.38 26.18
N ASN A 595 -7.73 -16.51 26.67
CA ASN A 595 -7.80 -17.75 25.91
C ASN A 595 -9.23 -18.25 25.83
N LEU A 596 -9.70 -18.50 24.61
CA LEU A 596 -11.07 -18.95 24.42
C LEU A 596 -11.23 -20.42 24.77
N ARG A 597 -10.36 -21.28 24.24
CA ARG A 597 -10.42 -22.70 24.57
C ARG A 597 -10.26 -22.97 26.05
N LYS A 598 -9.80 -21.99 26.82
CA LYS A 598 -9.77 -22.08 28.28
C LYS A 598 -10.96 -21.42 28.94
N THR A 599 -11.59 -20.45 28.27
CA THR A 599 -12.74 -19.74 28.82
C THR A 599 -13.78 -19.61 27.71
N ARG A 600 -14.73 -20.55 27.70
CA ARG A 600 -15.82 -20.56 26.72
C ARG A 600 -17.09 -19.93 27.28
N GLU A 601 -16.97 -19.13 28.33
CA GLU A 601 -18.15 -18.53 28.97
C GLU A 601 -17.66 -17.38 29.84
N LEU A 602 -18.27 -16.21 29.66
CA LEU A 602 -17.84 -15.03 30.39
C LEU A 602 -18.97 -14.02 30.42
N PHE A 603 -19.13 -13.35 31.57
CA PHE A 603 -20.08 -12.22 31.72
C PHE A 603 -19.28 -10.96 32.05
N VAL A 604 -19.37 -9.95 31.18
CA VAL A 604 -18.43 -8.80 31.16
C VAL A 604 -19.08 -7.65 31.95
N HIS A 605 -18.29 -6.92 32.73
CA HIS A 605 -18.83 -5.74 33.45
C HIS A 605 -19.26 -4.71 32.42
N GLY A 606 -20.27 -3.88 32.74
CA GLY A 606 -20.79 -2.97 31.72
C GLY A 606 -19.68 -2.11 31.13
N LEU A 607 -19.63 -2.01 29.80
CA LEU A 607 -18.51 -1.28 29.14
C LEU A 607 -19.01 0.10 28.72
N PRO A 608 -18.34 1.20 29.16
CA PRO A 608 -18.80 2.55 28.83
C PRO A 608 -18.72 2.80 27.32
N GLY A 609 -19.70 3.52 26.77
CA GLY A 609 -19.70 3.83 25.33
C GLY A 609 -19.75 2.58 24.46
N SER A 610 -18.78 2.42 23.56
CA SER A 610 -18.81 1.29 22.58
C SER A 610 -17.99 0.08 23.07
N GLY A 611 -17.51 0.10 24.32
CA GLY A 611 -16.76 -1.04 24.88
C GLY A 611 -17.10 -2.38 24.25
N LYS A 612 -18.36 -2.82 24.36
CA LYS A 612 -18.78 -4.18 23.93
C LYS A 612 -18.70 -4.30 22.40
N THR A 613 -19.13 -3.27 21.67
CA THR A 613 -19.15 -3.34 20.18
C THR A 613 -17.71 -3.41 19.66
N ILE A 614 -16.87 -2.43 19.99
CA ILE A 614 -15.51 -2.42 19.48
C ILE A 614 -14.79 -3.72 19.83
N LEU A 615 -15.15 -4.32 20.98
CA LEU A 615 -14.54 -5.58 21.38
C LEU A 615 -15.18 -6.77 20.70
N ALA A 616 -16.51 -6.77 20.56
CA ALA A 616 -17.19 -7.91 19.94
C ALA A 616 -16.78 -8.07 18.49
N LEU A 617 -16.60 -6.96 17.77
CA LEU A 617 -16.24 -7.06 16.36
C LEU A 617 -14.90 -7.74 16.15
N ARG A 618 -14.05 -7.82 17.18
CA ARG A 618 -12.78 -8.52 17.11
C ARG A 618 -12.82 -9.88 17.78
N ILE A 619 -13.59 -10.01 18.86
CA ILE A 619 -13.76 -11.31 19.50
C ILE A 619 -14.38 -12.28 18.52
N MET A 620 -15.16 -11.77 17.56
CA MET A 620 -15.77 -12.67 16.58
C MET A 620 -14.77 -13.14 15.54
N GLU A 621 -13.86 -12.25 15.12
CA GLU A 621 -12.78 -12.70 14.24
C GLU A 621 -11.92 -13.73 14.95
N LYS A 622 -11.62 -13.49 16.23
CA LYS A 622 -10.86 -14.48 17.00
C LYS A 622 -11.61 -15.80 17.08
N ILE A 623 -12.93 -15.75 17.33
CA ILE A 623 -13.72 -16.96 17.45
C ILE A 623 -13.72 -17.73 16.13
N ARG A 624 -13.79 -17.01 15.02
CA ARG A 624 -13.76 -17.67 13.72
C ARG A 624 -12.39 -18.31 13.45
N ASN A 625 -11.33 -17.69 13.97
CA ASN A 625 -9.99 -18.20 13.68
C ASN A 625 -9.61 -19.36 14.58
N VAL A 626 -9.79 -19.22 15.89
CA VAL A 626 -9.40 -20.27 16.84
C VAL A 626 -10.17 -21.55 16.56
N PHE A 627 -11.48 -21.51 16.69
CA PHE A 627 -12.33 -22.68 16.59
C PHE A 627 -12.57 -23.13 15.15
N HIS A 628 -11.89 -22.51 14.19
CA HIS A 628 -12.07 -22.80 12.76
C HIS A 628 -13.54 -22.69 12.36
N CYS A 629 -14.32 -21.92 13.10
CA CYS A 629 -15.74 -21.77 12.87
C CYS A 629 -16.01 -20.92 11.63
N GLU A 630 -17.24 -20.96 11.17
CA GLU A 630 -17.68 -20.21 10.01
C GLU A 630 -18.41 -18.95 10.45
N PRO A 631 -18.32 -17.87 9.66
CA PRO A 631 -19.10 -16.67 9.98
C PRO A 631 -20.59 -16.93 10.18
N ALA A 632 -21.12 -17.98 9.56
CA ALA A 632 -22.54 -18.28 9.64
C ALA A 632 -22.94 -18.93 10.97
N ASN A 633 -21.98 -19.37 11.78
CA ASN A 633 -22.28 -20.01 13.05
C ASN A 633 -22.00 -19.13 14.26
N ILE A 634 -21.74 -17.84 14.05
CA ILE A 634 -21.44 -16.92 15.13
C ILE A 634 -22.62 -15.96 15.22
N LEU A 635 -23.57 -16.28 16.10
CA LEU A 635 -24.74 -15.43 16.25
C LEU A 635 -24.41 -14.19 17.06
N TYR A 636 -24.97 -13.06 16.67
CA TYR A 636 -24.66 -11.76 17.27
C TYR A 636 -25.97 -11.08 17.63
N ILE A 637 -26.39 -11.23 18.88
CA ILE A 637 -27.71 -10.80 19.31
C ILE A 637 -27.60 -9.39 19.86
N CYS A 638 -27.81 -8.39 18.99
CA CYS A 638 -27.73 -6.99 19.37
C CYS A 638 -29.03 -6.29 19.00
N GLU A 639 -29.44 -5.32 19.82
CA GLU A 639 -30.74 -4.68 19.65
C GLU A 639 -30.66 -3.47 18.73
N ASN A 640 -29.76 -2.53 19.04
CA ASN A 640 -29.73 -1.26 18.35
C ASN A 640 -29.42 -1.43 16.87
N GLN A 641 -30.27 -0.86 16.02
CA GLN A 641 -30.25 -1.07 14.57
C GLN A 641 -28.99 -0.50 13.91
N PRO A 642 -28.52 0.70 14.29
CA PRO A 642 -27.21 1.14 13.79
C PRO A 642 -26.10 0.11 13.99
N LEU A 643 -26.07 -0.56 15.14
CA LEU A 643 -25.11 -1.64 15.32
C LEU A 643 -25.32 -2.73 14.28
N LYS A 644 -26.58 -3.10 14.04
CA LYS A 644 -26.88 -4.15 13.08
C LYS A 644 -26.33 -3.80 11.70
N LYS A 645 -26.61 -2.59 11.21
CA LYS A 645 -26.12 -2.23 9.89
C LYS A 645 -24.60 -2.12 9.88
N LEU A 646 -24.02 -1.50 10.91
CA LEU A 646 -22.57 -1.30 10.93
C LEU A 646 -21.82 -2.62 10.93
N VAL A 647 -22.37 -3.64 11.57
CA VAL A 647 -21.68 -4.93 11.66
C VAL A 647 -22.00 -5.81 10.47
N SER A 648 -23.25 -5.83 9.99
CA SER A 648 -23.61 -6.72 8.90
C SER A 648 -23.12 -6.18 7.56
N PHE A 649 -23.45 -4.93 7.23
CA PHE A 649 -23.06 -4.35 5.96
C PHE A 649 -21.56 -4.11 5.85
N SER A 650 -20.78 -4.45 6.88
CA SER A 650 -19.34 -4.43 6.76
C SER A 650 -18.88 -5.43 5.68
N LYS A 651 -17.76 -5.12 5.04
CA LYS A 651 -17.30 -5.91 3.91
C LYS A 651 -16.78 -7.28 4.30
N LYS A 652 -16.53 -7.51 5.58
CA LYS A 652 -15.85 -8.74 6.00
C LYS A 652 -16.79 -9.89 6.30
N ASN A 653 -18.09 -9.65 6.44
CA ASN A 653 -19.08 -10.69 6.69
C ASN A 653 -18.73 -11.47 7.96
N ILE A 654 -18.85 -10.78 9.08
CA ILE A 654 -18.43 -11.34 10.36
C ILE A 654 -19.47 -12.33 10.89
N CYS A 655 -20.71 -11.90 11.01
CA CYS A 655 -21.68 -12.66 11.79
C CYS A 655 -23.07 -12.47 11.19
N GLN A 656 -24.09 -12.82 11.97
CA GLN A 656 -25.50 -12.62 11.61
C GLN A 656 -26.20 -11.86 12.72
N PRO A 657 -26.26 -10.53 12.66
CA PRO A 657 -26.87 -9.75 13.74
C PRO A 657 -28.39 -9.87 13.71
N VAL A 658 -28.94 -10.58 14.69
CA VAL A 658 -30.39 -10.75 14.82
C VAL A 658 -30.80 -10.30 16.20
N THR A 659 -31.92 -9.58 16.28
CA THR A 659 -32.35 -9.02 17.55
C THR A 659 -32.95 -10.11 18.44
N ARG A 660 -33.25 -9.73 19.68
CA ARG A 660 -33.78 -10.67 20.66
C ARG A 660 -35.11 -11.27 20.21
N LYS A 661 -35.94 -10.45 19.55
CA LYS A 661 -37.22 -10.94 19.07
C LYS A 661 -37.03 -12.11 18.10
N THR A 662 -36.35 -11.88 16.98
CA THR A 662 -36.10 -12.97 16.05
C THR A 662 -35.18 -14.03 16.65
N PHE A 663 -34.49 -13.70 17.74
CA PHE A 663 -33.71 -14.71 18.46
C PHE A 663 -34.62 -15.75 19.06
N MET A 664 -35.63 -15.32 19.82
CA MET A 664 -36.53 -16.26 20.48
C MET A 664 -37.76 -16.61 19.65
N LYS A 665 -37.88 -16.07 18.44
CA LYS A 665 -38.96 -16.44 17.53
C LYS A 665 -38.46 -17.32 16.39
N ASN A 666 -37.27 -17.89 16.50
CA ASN A 666 -36.73 -18.75 15.46
C ASN A 666 -35.87 -19.83 16.11
N ASN A 667 -35.58 -20.86 15.34
CA ASN A 667 -34.78 -21.99 15.79
C ASN A 667 -33.44 -21.98 15.07
N PHE A 668 -32.35 -22.10 15.83
CA PHE A 668 -31.00 -22.12 15.30
C PHE A 668 -30.45 -23.53 15.49
N GLU A 669 -30.48 -24.32 14.41
CA GLU A 669 -30.08 -25.72 14.51
C GLU A 669 -28.56 -25.88 14.51
N HIS A 670 -27.82 -24.97 13.87
CA HIS A 670 -26.40 -25.14 13.65
C HIS A 670 -25.55 -24.06 14.32
N ILE A 671 -26.16 -23.09 14.99
CA ILE A 671 -25.40 -22.01 15.61
C ILE A 671 -24.57 -22.58 16.75
N GLN A 672 -23.25 -22.44 16.65
CA GLN A 672 -22.31 -22.99 17.63
C GLN A 672 -21.90 -21.96 18.68
N HIS A 673 -21.55 -20.75 18.27
CA HIS A 673 -21.10 -19.71 19.17
C HIS A 673 -22.07 -18.54 19.13
N ILE A 674 -22.28 -17.92 20.29
CA ILE A 674 -23.25 -16.85 20.44
C ILE A 674 -22.63 -15.72 21.26
N ILE A 675 -22.80 -14.49 20.80
CA ILE A 675 -22.36 -13.29 21.51
C ILE A 675 -23.56 -12.37 21.65
N ILE A 676 -23.94 -12.06 22.89
CA ILE A 676 -25.11 -11.24 23.19
C ILE A 676 -24.63 -9.84 23.56
N ASP A 677 -25.42 -8.83 23.17
CA ASP A 677 -25.08 -7.44 23.42
C ASP A 677 -26.18 -6.79 24.27
N ASP A 678 -25.79 -6.26 25.41
CA ASP A 678 -26.69 -5.52 26.30
C ASP A 678 -27.89 -6.35 26.73
N ALA A 679 -27.60 -7.40 27.49
CA ALA A 679 -28.67 -8.24 28.04
C ALA A 679 -29.55 -7.50 29.04
N GLN A 680 -29.19 -6.28 29.42
CA GLN A 680 -29.99 -5.51 30.36
C GLN A 680 -31.37 -5.17 29.80
N ASN A 681 -31.52 -5.21 28.47
CA ASN A 681 -32.79 -4.87 27.83
C ASN A 681 -33.64 -6.09 27.52
N PHE A 682 -33.21 -7.29 27.89
CA PHE A 682 -33.98 -8.49 27.60
C PHE A 682 -35.19 -8.56 28.53
N ARG A 683 -36.38 -8.60 27.94
CA ARG A 683 -37.60 -8.67 28.73
C ARG A 683 -37.92 -10.11 29.11
N THR A 684 -38.39 -10.29 30.34
CA THR A 684 -38.67 -11.63 30.85
C THR A 684 -39.85 -12.29 30.16
N GLU A 685 -40.85 -11.53 29.74
CA GLU A 685 -41.99 -12.12 29.06
C GLU A 685 -41.60 -12.73 27.72
N ASP A 686 -40.54 -12.21 27.11
CA ASP A 686 -40.05 -12.80 25.86
C ASP A 686 -39.58 -14.24 26.11
N GLY A 687 -38.82 -14.45 27.18
CA GLY A 687 -38.42 -15.80 27.55
C GLY A 687 -37.11 -15.77 28.31
N ASP A 688 -36.87 -16.88 29.02
CA ASP A 688 -35.61 -17.06 29.75
C ASP A 688 -34.49 -17.33 28.74
N TRP A 689 -33.80 -16.27 28.35
CA TRP A 689 -32.81 -16.36 27.28
C TRP A 689 -31.59 -17.17 27.71
N TYR A 690 -31.18 -17.05 28.97
CA TYR A 690 -29.94 -17.66 29.42
C TYR A 690 -29.98 -19.18 29.26
N GLY A 691 -31.10 -19.81 29.63
CA GLY A 691 -31.21 -21.25 29.49
C GLY A 691 -31.08 -21.71 28.06
N LYS A 692 -31.85 -21.08 27.15
CA LYS A 692 -31.80 -21.45 25.75
C LYS A 692 -30.40 -21.24 25.17
N ALA A 693 -29.76 -20.11 25.52
CA ALA A 693 -28.43 -19.83 25.00
C ALA A 693 -27.42 -20.85 25.50
N LYS A 694 -27.39 -21.09 26.80
CA LYS A 694 -26.46 -22.07 27.35
C LYS A 694 -26.70 -23.45 26.76
N PHE A 695 -27.96 -23.79 26.49
CA PHE A 695 -28.26 -25.06 25.86
C PHE A 695 -27.67 -25.12 24.45
N ILE A 696 -27.96 -24.11 23.63
CA ILE A 696 -27.54 -24.17 22.24
C ILE A 696 -26.02 -24.09 22.11
N THR A 697 -25.34 -23.48 23.08
CA THR A 697 -23.88 -23.50 23.05
C THR A 697 -23.33 -24.84 23.54
N GLN A 698 -23.81 -25.32 24.68
CA GLN A 698 -23.28 -26.56 25.23
C GLN A 698 -23.55 -27.74 24.30
N THR A 699 -24.70 -27.73 23.62
CA THR A 699 -25.04 -28.79 22.67
C THR A 699 -24.66 -28.45 21.24
N ALA A 700 -23.59 -27.67 21.05
CA ALA A 700 -23.16 -27.31 19.71
C ALA A 700 -22.66 -28.54 18.96
N ARG A 701 -22.28 -28.32 17.70
CA ARG A 701 -21.89 -29.43 16.84
C ARG A 701 -20.56 -30.04 17.27
N ASP A 702 -19.56 -29.20 17.54
CA ASP A 702 -18.22 -29.70 17.83
C ASP A 702 -17.95 -29.82 19.32
N GLY A 703 -18.14 -28.73 20.06
CA GLY A 703 -17.90 -28.73 21.48
C GLY A 703 -18.67 -27.62 22.16
N PRO A 704 -18.46 -27.44 23.47
CA PRO A 704 -19.13 -26.35 24.17
C PRO A 704 -18.81 -25.00 23.54
N GLY A 705 -19.81 -24.37 22.94
CA GLY A 705 -19.58 -23.11 22.29
C GLY A 705 -19.30 -21.98 23.28
N VAL A 706 -18.78 -20.89 22.74
CA VAL A 706 -18.47 -19.73 23.56
C VAL A 706 -19.73 -18.90 23.75
N LEU A 707 -19.89 -18.34 24.94
CA LEU A 707 -21.04 -17.53 25.29
C LEU A 707 -20.56 -16.28 26.00
N TRP A 708 -20.58 -15.15 25.30
CA TRP A 708 -20.13 -13.87 25.84
C TRP A 708 -21.33 -12.94 25.88
N ILE A 709 -21.62 -12.39 27.06
CA ILE A 709 -22.77 -11.54 27.26
C ILE A 709 -22.26 -10.16 27.69
N PHE A 710 -22.25 -9.21 26.76
CA PHE A 710 -21.76 -7.87 27.03
C PHE A 710 -22.82 -7.05 27.77
N LEU A 711 -23.26 -7.59 28.91
CA LEU A 711 -24.26 -6.93 29.76
C LEU A 711 -23.62 -5.72 30.45
N ASP A 712 -24.44 -4.86 31.03
CA ASP A 712 -23.99 -3.65 31.71
C ASP A 712 -24.20 -3.76 33.22
ZN ZN B . -12.37 20.09 -14.81
#